data_7PSU
#
_entry.id   7PSU
#
_cell.length_a   127.824
_cell.length_b   127.824
_cell.length_c   123.180
_cell.angle_alpha   90.000
_cell.angle_beta   90.000
_cell.angle_gamma   90.000
#
_symmetry.space_group_name_H-M   'P 43 21 2'
#
loop_
_entity.id
_entity.type
_entity.pdbx_description
1 polymer 'Casein kinase II subunit alpha'
2 non-polymer 1,2-ETHANEDIOL
3 non-polymer 'SULFATE ION'
4 non-polymer 'CHLORIDE ION'
5 water water
#
_entity_poly.entity_id   1
_entity_poly.type   'polypeptide(L)'
_entity_poly.pdbx_seq_one_letter_code
;MGSSHHHHHHSSGLVPRGSHMSGPVPSRARVYTDVNTHRPREYWDYESHVVEWGNQDDYQLVRKLGRGKYSEVFEAINIT
NNEKVVVKILKPVKKKKIKREIKILENLRGGPNIITLADIVKDPVSRTPALVFEHVNNTDFKQLYQTLTDYDIRFYMYEI
LKALDYCHSMGIMHRDVKPHNVMIDHEHRKLRLIDWGLAEFYHPGQEYNVRVASRYFRGPELLVDYQMYDYSLDMWSLGC
MLASMIFRKEPFFHGHDNYDQLVRIAKVLGTEDLYDYIDKYNIELDPRFNDILGRHSRKRWERFVHSENQHLVSPEALDF
LDKLLRYDHQSRLTAREAMEHPYFYTVVKDQARMGSSSMPGGSTPVSSANMMSGISSVPTPSPLGPLAGSPVIAAANPLG
MPVPAAAGAQQ
;
_entity_poly.pdbx_strand_id   A,B
#
loop_
_chem_comp.id
_chem_comp.type
_chem_comp.name
_chem_comp.formula
CL non-polymer 'CHLORIDE ION' 'Cl -1'
EDO non-polymer 1,2-ETHANEDIOL 'C2 H6 O2'
SO4 non-polymer 'SULFATE ION' 'O4 S -2'
#
# COMPACT_ATOMS: atom_id res chain seq x y z
N SER A 22 21.07 -23.09 -17.20
CA SER A 22 21.81 -22.91 -15.94
C SER A 22 21.12 -21.87 -15.06
N GLY A 23 20.60 -22.33 -13.93
CA GLY A 23 19.88 -21.48 -13.01
C GLY A 23 20.77 -20.90 -11.93
N PRO A 24 20.17 -20.53 -10.80
CA PRO A 24 20.94 -19.90 -9.73
C PRO A 24 21.89 -20.87 -9.05
N VAL A 25 23.01 -20.35 -8.59
CA VAL A 25 23.98 -21.14 -7.83
C VAL A 25 23.33 -21.56 -6.51
N PRO A 26 23.46 -22.81 -6.08
CA PRO A 26 22.93 -23.20 -4.78
C PRO A 26 23.75 -22.62 -3.65
N SER A 27 23.16 -22.64 -2.46
CA SER A 27 23.75 -22.07 -1.26
C SER A 27 23.43 -22.98 -0.07
N ARG A 28 24.33 -22.99 0.90
CA ARG A 28 24.16 -23.71 2.16
C ARG A 28 24.46 -22.74 3.29
N ALA A 29 23.76 -22.91 4.41
CA ALA A 29 24.07 -22.13 5.60
C ALA A 29 25.53 -22.30 6.01
N ARG A 30 26.15 -21.18 6.37
CA ARG A 30 27.54 -21.15 6.79
C ARG A 30 27.76 -21.88 8.11
N VAL A 31 26.78 -21.82 9.01
CA VAL A 31 26.83 -22.49 10.30
C VAL A 31 25.53 -23.24 10.50
N TYR A 32 25.57 -24.21 11.43
CA TYR A 32 24.39 -24.99 11.79
C TYR A 32 23.76 -25.64 10.57
N THR A 33 24.61 -26.02 9.60
CA THR A 33 24.10 -26.45 8.30
C THR A 33 23.27 -27.72 8.41
N ASP A 34 23.75 -28.69 9.18
CA ASP A 34 23.19 -30.02 9.16
C ASP A 34 22.53 -30.40 10.47
N VAL A 35 22.20 -29.41 11.32
CA VAL A 35 21.70 -29.73 12.66
C VAL A 35 20.39 -30.51 12.58
N ASN A 36 19.55 -30.23 11.59
CA ASN A 36 18.29 -30.96 11.46
C ASN A 36 18.50 -32.36 10.88
N THR A 37 19.46 -32.50 9.96
CA THR A 37 19.78 -33.82 9.41
C THR A 37 20.21 -34.79 10.51
N HIS A 38 20.92 -34.29 11.51
CA HIS A 38 21.42 -35.14 12.59
C HIS A 38 20.39 -35.39 13.68
N ARG A 39 19.27 -34.74 13.62
CA ARG A 39 18.21 -35.00 14.58
C ARG A 39 17.26 -36.06 14.07
N PRO A 40 16.49 -36.69 14.95
CA PRO A 40 15.45 -37.61 14.48
C PRO A 40 14.43 -36.87 13.62
N ARG A 41 13.89 -37.61 12.65
CA ARG A 41 12.95 -37.04 11.68
C ARG A 41 11.85 -36.26 12.38
N GLU A 42 11.33 -36.78 13.50
CA GLU A 42 10.21 -36.14 14.17
C GLU A 42 10.54 -34.75 14.70
N TYR A 43 11.83 -34.42 14.89
CA TYR A 43 12.16 -33.08 15.36
C TYR A 43 11.69 -32.01 14.39
N TRP A 44 11.89 -32.23 13.09
CA TRP A 44 11.60 -31.23 12.07
C TRP A 44 10.45 -31.60 11.15
N ASP A 45 9.99 -32.85 11.17
CA ASP A 45 8.92 -33.30 10.27
C ASP A 45 7.56 -32.97 10.88
N TYR A 46 7.25 -31.66 10.90
CA TYR A 46 6.11 -31.20 11.66
C TYR A 46 4.78 -31.61 11.06
N GLU A 47 4.74 -31.98 9.78
CA GLU A 47 3.48 -32.44 9.21
C GLU A 47 2.99 -33.69 9.90
N SER A 48 3.90 -34.47 10.47
CA SER A 48 3.53 -35.68 11.21
C SER A 48 3.26 -35.41 12.68
N HIS A 49 3.37 -34.17 13.13
CA HIS A 49 3.25 -33.87 14.55
C HIS A 49 1.82 -34.05 15.02
N VAL A 50 1.64 -34.71 16.16
CA VAL A 50 0.34 -34.87 16.79
C VAL A 50 0.25 -33.86 17.93
N VAL A 51 -0.74 -32.98 17.86
CA VAL A 51 -0.88 -31.91 18.83
C VAL A 51 -1.36 -32.47 20.16
N GLU A 52 -0.71 -32.06 21.25
CA GLU A 52 -1.19 -32.36 22.60
C GLU A 52 -2.10 -31.23 23.06
N TRP A 53 -3.39 -31.53 23.22
CA TRP A 53 -4.38 -30.52 23.54
C TRP A 53 -4.62 -30.42 25.03
N GLY A 54 -4.66 -29.18 25.54
CA GLY A 54 -5.08 -28.92 26.90
C GLY A 54 -6.58 -28.75 27.01
N ASN A 55 -7.00 -28.28 28.17
CA ASN A 55 -8.41 -28.10 28.48
C ASN A 55 -8.75 -26.62 28.33
N GLN A 56 -9.58 -26.31 27.33
CA GLN A 56 -9.95 -24.92 27.08
C GLN A 56 -10.67 -24.30 28.28
N ASP A 57 -11.39 -25.11 29.07
CA ASP A 57 -12.08 -24.60 30.24
C ASP A 57 -11.14 -24.14 31.34
N ASP A 58 -9.85 -24.46 31.26
CA ASP A 58 -8.88 -23.97 32.23
C ASP A 58 -8.69 -22.47 32.14
N TYR A 59 -9.10 -21.84 31.04
CA TYR A 59 -8.77 -20.46 30.75
C TYR A 59 -10.03 -19.64 30.61
N GLN A 60 -10.06 -18.48 31.27
CA GLN A 60 -11.12 -17.50 31.12
C GLN A 60 -10.51 -16.26 30.51
N LEU A 61 -11.04 -15.84 29.37
CA LEU A 61 -10.54 -14.64 28.73
C LEU A 61 -10.91 -13.41 29.56
N VAL A 62 -9.95 -12.51 29.73
CA VAL A 62 -10.13 -11.31 30.52
C VAL A 62 -10.43 -10.10 29.65
N ARG A 63 -9.61 -9.87 28.63
CA ARG A 63 -9.76 -8.70 27.78
C ARG A 63 -8.97 -8.94 26.51
N LYS A 64 -9.34 -8.19 25.47
CA LYS A 64 -8.65 -8.28 24.19
C LYS A 64 -7.43 -7.38 24.20
N LEU A 65 -6.29 -7.91 23.76
CA LEU A 65 -5.05 -7.15 23.71
C LEU A 65 -4.71 -6.65 22.32
N GLY A 66 -5.14 -7.33 21.27
CA GLY A 66 -4.83 -6.86 19.94
C GLY A 66 -5.31 -7.83 18.90
N ARG A 67 -5.13 -7.40 17.65
CA ARG A 67 -5.46 -8.20 16.48
C ARG A 67 -4.22 -8.32 15.62
N GLY A 68 -3.98 -9.52 15.12
CA GLY A 68 -2.85 -9.80 14.25
C GLY A 68 -3.34 -10.26 12.89
N LYS A 69 -2.36 -10.46 12.00
CA LYS A 69 -2.68 -11.01 10.69
C LYS A 69 -3.25 -12.41 10.82
N TYR A 70 -2.75 -13.19 11.78
CA TYR A 70 -3.10 -14.61 11.89
C TYR A 70 -3.87 -14.94 13.16
N SER A 71 -4.15 -13.98 14.03
CA SER A 71 -4.80 -14.31 15.28
C SER A 71 -5.39 -13.07 15.93
N GLU A 72 -6.28 -13.30 16.90
CA GLU A 72 -6.73 -12.31 17.85
C GLU A 72 -6.10 -12.66 19.20
N VAL A 73 -5.57 -11.66 19.88
CA VAL A 73 -4.76 -11.86 21.08
C VAL A 73 -5.51 -11.33 22.28
N PHE A 74 -5.60 -12.16 23.33
CA PHE A 74 -6.36 -11.86 24.53
C PHE A 74 -5.49 -12.08 25.75
N GLU A 75 -5.78 -11.33 26.80
CA GLU A 75 -5.30 -11.68 28.13
C GLU A 75 -6.29 -12.66 28.74
N ALA A 76 -5.76 -13.67 29.42
CA ALA A 76 -6.62 -14.65 30.08
C ALA A 76 -6.01 -15.00 31.43
N ILE A 77 -6.84 -15.67 32.23
CA ILE A 77 -6.40 -16.24 33.50
C ILE A 77 -6.59 -17.74 33.42
N ASN A 78 -5.55 -18.48 33.80
CA ASN A 78 -5.66 -19.92 34.03
C ASN A 78 -6.33 -20.10 35.38
N ILE A 79 -7.58 -20.56 35.39
CA ILE A 79 -8.32 -20.62 36.65
C ILE A 79 -7.90 -21.78 37.54
N THR A 80 -7.05 -22.68 37.04
CA THR A 80 -6.56 -23.77 37.88
C THR A 80 -5.40 -23.34 38.77
N ASN A 81 -4.71 -22.26 38.43
CA ASN A 81 -3.60 -21.77 39.26
C ASN A 81 -3.55 -20.25 39.33
N ASN A 82 -4.58 -19.55 38.85
CA ASN A 82 -4.67 -18.09 38.90
C ASN A 82 -3.48 -17.42 38.20
N GLU A 83 -2.92 -18.09 37.20
CA GLU A 83 -1.84 -17.51 36.41
C GLU A 83 -2.40 -16.71 35.24
N LYS A 84 -1.84 -15.52 35.04
CA LYS A 84 -2.13 -14.71 33.86
C LYS A 84 -1.39 -15.30 32.67
N VAL A 85 -2.10 -15.45 31.55
CA VAL A 85 -1.52 -15.96 30.31
C VAL A 85 -1.99 -15.08 29.16
N VAL A 86 -1.37 -15.28 28.00
CA VAL A 86 -1.78 -14.64 26.77
C VAL A 86 -2.28 -15.71 25.82
N VAL A 87 -3.47 -15.50 25.27
CA VAL A 87 -4.12 -16.47 24.40
C VAL A 87 -4.19 -15.87 23.00
N LYS A 88 -3.63 -16.59 22.03
CA LYS A 88 -3.73 -16.20 20.62
C LYS A 88 -4.72 -17.15 19.97
N ILE A 89 -5.92 -16.64 19.70
CA ILE A 89 -6.95 -17.45 19.05
C ILE A 89 -6.68 -17.37 17.55
N LEU A 90 -6.47 -18.53 16.93
CA LEU A 90 -5.97 -18.53 15.56
C LEU A 90 -7.07 -18.27 14.55
N LYS A 91 -6.77 -17.42 13.58
CA LYS A 91 -7.60 -17.29 12.40
C LYS A 91 -7.38 -18.50 11.50
N PRO A 92 -8.33 -18.80 10.62
CA PRO A 92 -8.20 -20.00 9.79
C PRO A 92 -6.89 -20.07 9.01
N VAL A 93 -6.17 -21.18 9.20
CA VAL A 93 -4.93 -21.45 8.48
C VAL A 93 -4.81 -22.96 8.35
N LYS A 94 -4.02 -23.39 7.38
CA LYS A 94 -3.76 -24.82 7.18
C LYS A 94 -3.21 -25.43 8.46
N LYS A 95 -3.70 -26.63 8.81
CA LYS A 95 -3.27 -27.26 10.05
C LYS A 95 -1.77 -27.50 10.08
N LYS A 96 -1.14 -27.76 8.92
CA LYS A 96 0.31 -27.98 8.94
C LYS A 96 1.07 -26.73 9.36
N LYS A 97 0.54 -25.54 9.07
CA LYS A 97 1.21 -24.33 9.55
C LYS A 97 1.09 -24.21 11.06
N ILE A 98 -0.05 -24.62 11.62
CA ILE A 98 -0.20 -24.65 13.07
C ILE A 98 0.74 -25.68 13.68
N LYS A 99 0.79 -26.88 13.09
CA LYS A 99 1.72 -27.91 13.54
C LYS A 99 3.16 -27.39 13.52
N ARG A 100 3.52 -26.66 12.47
CA ARG A 100 4.88 -26.11 12.38
C ARG A 100 5.17 -25.17 13.55
N GLU A 101 4.27 -24.20 13.79
CA GLU A 101 4.50 -23.25 14.88
C GLU A 101 4.55 -23.97 16.22
N ILE A 102 3.64 -24.91 16.45
CA ILE A 102 3.66 -25.68 17.70
C ILE A 102 4.97 -26.44 17.82
N LYS A 103 5.36 -27.15 16.76
CA LYS A 103 6.59 -27.95 16.84
C LYS A 103 7.80 -27.07 17.09
N ILE A 104 7.85 -25.90 16.44
CA ILE A 104 8.98 -25.00 16.64
C ILE A 104 8.98 -24.45 18.06
N LEU A 105 7.81 -24.00 18.54
CA LEU A 105 7.71 -23.50 19.91
C LEU A 105 8.10 -24.56 20.94
N GLU A 106 7.67 -25.80 20.72
CA GLU A 106 8.02 -26.86 21.65
C GLU A 106 9.52 -27.20 21.56
N ASN A 107 10.07 -27.20 20.35
CA ASN A 107 11.51 -27.46 20.19
C ASN A 107 12.35 -26.42 20.90
N LEU A 108 11.91 -25.17 20.87
CA LEU A 108 12.68 -24.05 21.40
C LEU A 108 12.33 -23.72 22.85
N ARG A 109 11.37 -24.41 23.45
CA ARG A 109 10.91 -24.05 24.79
C ARG A 109 12.06 -24.16 25.80
N GLY A 110 12.15 -23.15 26.67
CA GLY A 110 13.25 -23.07 27.60
C GLY A 110 14.50 -22.39 27.06
N GLY A 111 14.56 -22.13 25.76
CA GLY A 111 15.69 -21.46 25.18
C GLY A 111 15.74 -20.00 25.61
N PRO A 112 16.92 -19.39 25.55
CA PRO A 112 17.09 -18.03 26.07
C PRO A 112 16.26 -17.01 25.32
N ASN A 113 15.41 -16.28 26.07
CA ASN A 113 14.58 -15.20 25.55
C ASN A 113 13.58 -15.65 24.49
N ILE A 114 13.27 -16.95 24.45
CA ILE A 114 12.23 -17.49 23.58
C ILE A 114 10.91 -17.51 24.35
N ILE A 115 9.86 -16.98 23.73
CA ILE A 115 8.54 -17.02 24.37
C ILE A 115 8.17 -18.46 24.67
N THR A 116 7.54 -18.68 25.82
CA THR A 116 7.16 -20.01 26.26
C THR A 116 5.72 -20.29 25.89
N LEU A 117 5.52 -21.34 25.09
CA LEU A 117 4.18 -21.86 24.83
C LEU A 117 3.74 -22.69 26.02
N ALA A 118 2.62 -22.33 26.64
CA ALA A 118 2.16 -23.01 27.84
C ALA A 118 1.09 -24.05 27.57
N ASP A 119 0.27 -23.86 26.55
CA ASP A 119 -0.84 -24.78 26.32
C ASP A 119 -1.35 -24.58 24.91
N ILE A 120 -2.14 -25.55 24.45
CA ILE A 120 -2.79 -25.50 23.16
C ILE A 120 -4.21 -26.00 23.38
N VAL A 121 -5.20 -25.17 23.07
CA VAL A 121 -6.59 -25.55 23.28
C VAL A 121 -7.39 -25.33 22.02
N LYS A 122 -8.52 -26.01 21.94
CA LYS A 122 -9.46 -25.91 20.84
C LYS A 122 -10.85 -25.67 21.37
N ASP A 123 -11.55 -24.69 20.82
CA ASP A 123 -12.94 -24.49 21.22
C ASP A 123 -13.75 -25.68 20.72
N PRO A 124 -14.44 -26.41 21.60
CA PRO A 124 -15.13 -27.63 21.13
C PRO A 124 -16.26 -27.38 20.15
N VAL A 125 -16.83 -26.18 20.13
CA VAL A 125 -17.94 -25.88 19.24
C VAL A 125 -17.45 -25.35 17.89
N SER A 126 -16.63 -24.29 17.91
CA SER A 126 -16.12 -23.69 16.69
C SER A 126 -14.92 -24.42 16.12
N ARG A 127 -14.29 -25.30 16.90
CA ARG A 127 -13.07 -26.02 16.51
C ARG A 127 -11.89 -25.07 16.26
N THR A 128 -11.97 -23.82 16.75
CA THR A 128 -10.87 -22.88 16.56
C THR A 128 -9.76 -23.16 17.56
N PRO A 129 -8.51 -23.34 17.09
CA PRO A 129 -7.40 -23.56 18.01
C PRO A 129 -6.92 -22.25 18.62
N ALA A 130 -6.36 -22.35 19.82
CA ALA A 130 -5.77 -21.22 20.51
C ALA A 130 -4.45 -21.62 21.15
N LEU A 131 -3.42 -20.81 20.94
CA LEU A 131 -2.14 -21.02 21.60
C LEU A 131 -2.10 -20.18 22.88
N VAL A 132 -1.71 -20.81 23.97
CA VAL A 132 -1.63 -20.17 25.28
C VAL A 132 -0.16 -19.98 25.61
N PHE A 133 0.22 -18.72 25.87
CA PHE A 133 1.61 -18.35 26.11
C PHE A 133 1.78 -17.79 27.51
N GLU A 134 3.02 -17.87 28.00
CA GLU A 134 3.43 -17.08 29.15
C GLU A 134 3.14 -15.61 28.90
N HIS A 135 2.79 -14.90 29.96
CA HIS A 135 2.50 -13.48 29.87
C HIS A 135 3.78 -12.66 30.00
N VAL A 136 3.88 -11.60 29.19
CA VAL A 136 4.99 -10.65 29.26
C VAL A 136 4.40 -9.25 29.36
N ASN A 137 4.81 -8.50 30.37
CA ASN A 137 4.31 -7.14 30.55
C ASN A 137 5.05 -6.24 29.57
N ASN A 138 4.57 -6.24 28.32
CA ASN A 138 5.24 -5.54 27.25
C ASN A 138 5.14 -4.02 27.43
N THR A 139 6.25 -3.34 27.16
CA THR A 139 6.25 -1.90 26.96
C THR A 139 6.12 -1.62 25.47
N ASP A 140 5.18 -0.75 25.11
CA ASP A 140 4.93 -0.47 23.69
C ASP A 140 6.17 0.14 23.04
N PHE A 141 6.62 -0.48 21.94
CA PHE A 141 7.86 -0.03 21.31
C PHE A 141 7.74 1.36 20.71
N LYS A 142 6.52 1.79 20.36
CA LYS A 142 6.29 3.16 19.91
C LYS A 142 6.39 4.17 21.05
N GLN A 143 6.45 3.71 22.30
CA GLN A 143 6.75 4.54 23.45
C GLN A 143 8.07 4.16 24.12
N LEU A 144 8.50 2.90 23.97
CA LEU A 144 9.74 2.44 24.58
C LEU A 144 10.97 2.96 23.85
N TYR A 145 10.96 2.87 22.51
CA TYR A 145 12.14 3.23 21.74
C TYR A 145 12.48 4.71 21.86
N GLN A 146 11.54 5.55 22.28
CA GLN A 146 11.82 6.95 22.51
C GLN A 146 12.57 7.19 23.81
N THR A 147 12.64 6.19 24.70
CA THR A 147 13.31 6.35 25.98
C THR A 147 14.54 5.45 26.14
N LEU A 148 14.81 4.57 25.18
CA LEU A 148 15.95 3.67 25.30
C LEU A 148 17.26 4.42 25.13
N THR A 149 18.21 4.12 26.01
CA THR A 149 19.54 4.70 25.90
C THR A 149 20.41 3.90 24.94
N ASP A 150 21.60 4.43 24.67
CA ASP A 150 22.60 3.69 23.91
C ASP A 150 22.88 2.34 24.57
N TYR A 151 23.04 2.33 25.90
CA TYR A 151 23.30 1.06 26.58
C TYR A 151 22.09 0.12 26.47
N ASP A 152 20.87 0.68 26.52
CA ASP A 152 19.69 -0.16 26.42
C ASP A 152 19.64 -0.88 25.08
N ILE A 153 19.94 -0.17 23.98
CA ILE A 153 19.91 -0.78 22.66
C ILE A 153 20.93 -1.91 22.57
N ARG A 154 22.15 -1.65 23.05
CA ARG A 154 23.16 -2.70 23.05
C ARG A 154 22.70 -3.89 23.89
N PHE A 155 22.10 -3.62 25.04
CA PHE A 155 21.67 -4.69 25.94
C PHE A 155 20.61 -5.55 25.28
N TYR A 156 19.56 -4.91 24.75
CA TYR A 156 18.46 -5.69 24.19
C TYR A 156 18.86 -6.35 22.87
N MET A 157 19.69 -5.70 22.06
CA MET A 157 20.24 -6.35 20.88
C MET A 157 20.99 -7.63 21.26
N TYR A 158 21.78 -7.57 22.33
CA TYR A 158 22.49 -8.75 22.79
C TYR A 158 21.51 -9.84 23.20
N GLU A 159 20.42 -9.45 23.87
CA GLU A 159 19.42 -10.44 24.28
C GLU A 159 18.70 -11.05 23.08
N ILE A 160 18.42 -10.25 22.06
CA ILE A 160 17.84 -10.78 20.82
C ILE A 160 18.81 -11.77 20.18
N LEU A 161 20.10 -11.42 20.15
CA LEU A 161 21.10 -12.30 19.57
C LEU A 161 21.16 -13.64 20.29
N LYS A 162 20.96 -13.64 21.61
CA LYS A 162 20.90 -14.92 22.33
C LYS A 162 19.80 -15.81 21.80
N ALA A 163 18.61 -15.24 21.58
CA ALA A 163 17.49 -16.02 21.08
C ALA A 163 17.75 -16.51 19.67
N LEU A 164 18.32 -15.66 18.82
CA LEU A 164 18.59 -16.04 17.43
C LEU A 164 19.68 -17.09 17.34
N ASP A 165 20.77 -16.93 18.10
CA ASP A 165 21.78 -17.98 18.07
C ASP A 165 21.21 -19.30 18.54
N TYR A 166 20.33 -19.25 19.54
CA TYR A 166 19.71 -20.48 20.03
C TYR A 166 18.84 -21.13 18.95
N CYS A 167 17.88 -20.37 18.39
CA CYS A 167 16.98 -21.00 17.44
C CYS A 167 17.73 -21.43 16.18
N HIS A 168 18.71 -20.65 15.74
CA HIS A 168 19.55 -21.08 14.62
C HIS A 168 20.27 -22.38 14.95
N SER A 169 20.89 -22.44 16.13
CA SER A 169 21.56 -23.67 16.56
C SER A 169 20.60 -24.84 16.65
N MET A 170 19.31 -24.57 16.85
CA MET A 170 18.27 -25.57 16.87
C MET A 170 17.65 -25.80 15.50
N GLY A 171 18.28 -25.31 14.44
CA GLY A 171 17.84 -25.59 13.08
C GLY A 171 16.65 -24.80 12.61
N ILE A 172 16.38 -23.64 13.19
CA ILE A 172 15.15 -22.90 12.93
C ILE A 172 15.50 -21.46 12.57
N MET A 173 14.89 -20.97 11.49
CA MET A 173 14.94 -19.56 11.09
C MET A 173 13.66 -18.90 11.56
N HIS A 174 13.77 -17.75 12.22
CA HIS A 174 12.57 -17.06 12.68
C HIS A 174 11.79 -16.48 11.50
N ARG A 175 12.49 -15.77 10.61
CA ARG A 175 12.00 -15.23 9.36
C ARG A 175 11.03 -14.07 9.53
N ASP A 176 10.81 -13.59 10.76
CA ASP A 176 9.94 -12.43 10.97
C ASP A 176 10.50 -11.55 12.09
N VAL A 177 11.82 -11.35 12.07
CA VAL A 177 12.46 -10.52 13.07
C VAL A 177 12.11 -9.06 12.78
N LYS A 178 11.52 -8.39 13.76
CA LYS A 178 11.10 -7.00 13.65
C LYS A 178 10.69 -6.52 15.04
N PRO A 179 10.66 -5.21 15.27
CA PRO A 179 10.37 -4.72 16.63
C PRO A 179 9.08 -5.24 17.23
N HIS A 180 8.03 -5.38 16.42
CA HIS A 180 6.76 -5.87 16.95
C HIS A 180 6.86 -7.30 17.48
N ASN A 181 7.86 -8.07 17.06
CA ASN A 181 8.01 -9.43 17.54
C ASN A 181 9.07 -9.54 18.64
N VAL A 182 9.48 -8.43 19.21
CA VAL A 182 10.40 -8.40 20.34
C VAL A 182 9.65 -7.74 21.49
N MET A 183 9.15 -8.54 22.42
CA MET A 183 8.47 -8.01 23.61
C MET A 183 9.51 -7.66 24.66
N ILE A 184 9.43 -6.44 25.19
CA ILE A 184 10.37 -5.97 26.18
C ILE A 184 9.60 -5.52 27.42
N ASP A 185 9.87 -6.18 28.54
CA ASP A 185 9.45 -5.71 29.86
C ASP A 185 10.61 -4.91 30.42
N HIS A 186 10.63 -3.61 30.11
CA HIS A 186 11.79 -2.79 30.41
C HIS A 186 12.03 -2.69 31.92
N GLU A 187 10.96 -2.72 32.72
CA GLU A 187 11.10 -2.60 34.16
C GLU A 187 11.97 -3.73 34.72
N HIS A 188 11.77 -4.95 34.23
CA HIS A 188 12.56 -6.10 34.65
C HIS A 188 13.65 -6.45 33.64
N ARG A 189 13.86 -5.59 32.65
CA ARG A 189 14.87 -5.78 31.61
C ARG A 189 14.76 -7.19 31.02
N LYS A 190 13.52 -7.57 30.72
CA LYS A 190 13.19 -8.90 30.20
C LYS A 190 12.77 -8.79 28.75
N LEU A 191 13.29 -9.69 27.92
CA LEU A 191 13.03 -9.66 26.49
C LEU A 191 12.56 -11.04 26.04
N ARG A 192 11.58 -11.07 25.15
CA ARG A 192 11.12 -12.31 24.54
C ARG A 192 10.95 -12.11 23.04
N LEU A 193 11.54 -13.02 22.27
CA LEU A 193 11.27 -13.08 20.84
C LEU A 193 10.01 -13.90 20.63
N ILE A 194 9.01 -13.30 20.01
CA ILE A 194 7.69 -13.93 19.92
C ILE A 194 7.31 -14.19 18.48
N ASP A 195 6.11 -14.76 18.30
CA ASP A 195 5.45 -14.90 17.00
C ASP A 195 6.29 -15.73 16.03
N TRP A 196 6.32 -17.02 16.34
CA TRP A 196 7.05 -18.01 15.58
C TRP A 196 6.21 -18.67 14.50
N GLY A 197 5.06 -18.10 14.17
CA GLY A 197 4.18 -18.70 13.18
C GLY A 197 4.71 -18.67 11.77
N LEU A 198 5.72 -17.86 11.50
CA LEU A 198 6.36 -17.82 10.18
C LEU A 198 7.72 -18.51 10.15
N ALA A 199 8.19 -19.01 11.29
CA ALA A 199 9.49 -19.65 11.34
C ALA A 199 9.50 -20.97 10.57
N GLU A 200 10.69 -21.40 10.14
CA GLU A 200 10.83 -22.66 9.43
C GLU A 200 12.10 -23.38 9.87
N PHE A 201 12.12 -24.68 9.63
CA PHE A 201 13.33 -25.47 9.83
C PHE A 201 14.26 -25.29 8.63
N TYR A 202 15.55 -25.07 8.91
CA TYR A 202 16.51 -24.97 7.83
C TYR A 202 16.97 -26.37 7.44
N HIS A 203 16.91 -26.65 6.12
CA HIS A 203 17.44 -27.89 5.57
C HIS A 203 18.31 -27.52 4.38
N PRO A 204 19.55 -28.00 4.32
CA PRO A 204 20.42 -27.65 3.18
C PRO A 204 19.79 -28.03 1.85
N GLY A 205 19.80 -27.08 0.92
CA GLY A 205 19.25 -27.27 -0.40
C GLY A 205 17.75 -27.05 -0.52
N GLN A 206 17.05 -26.80 0.58
CA GLN A 206 15.62 -26.54 0.52
C GLN A 206 15.36 -25.13 0.00
N GLU A 207 14.34 -25.00 -0.85
CA GLU A 207 13.93 -23.70 -1.36
C GLU A 207 12.69 -23.24 -0.58
N TYR A 208 12.73 -22.00 -0.12
CA TYR A 208 11.72 -21.45 0.78
C TYR A 208 10.93 -20.34 0.11
N ASN A 209 9.75 -20.07 0.65
CA ASN A 209 8.96 -18.92 0.24
C ASN A 209 9.67 -17.63 0.63
N VAL A 210 9.78 -16.69 -0.31
CA VAL A 210 10.45 -15.42 -0.04
C VAL A 210 9.51 -14.29 0.36
N ARG A 211 8.20 -14.49 0.24
CA ARG A 211 7.20 -13.49 0.62
C ARG A 211 6.44 -13.95 1.85
N VAL A 212 7.11 -14.01 3.00
CA VAL A 212 6.47 -14.50 4.22
C VAL A 212 6.30 -13.40 5.26
N ALA A 213 7.27 -12.50 5.39
CA ALA A 213 7.26 -11.49 6.45
C ALA A 213 7.19 -10.09 5.85
N SER A 214 7.22 -9.09 6.73
CA SER A 214 7.13 -7.70 6.28
C SER A 214 8.28 -7.35 5.35
N ARG A 215 7.95 -6.69 4.24
CA ARG A 215 8.96 -6.37 3.24
C ARG A 215 10.07 -5.50 3.82
N TYR A 216 9.75 -4.65 4.81
CA TYR A 216 10.74 -3.72 5.33
C TYR A 216 11.94 -4.42 5.93
N PHE A 217 11.79 -5.67 6.35
CA PHE A 217 12.86 -6.42 7.01
C PHE A 217 13.34 -7.59 6.16
N ARG A 218 12.88 -7.70 4.92
CA ARG A 218 13.31 -8.78 4.05
C ARG A 218 14.71 -8.52 3.52
N GLY A 219 15.57 -9.52 3.63
CA GLY A 219 16.88 -9.45 3.04
C GLY A 219 16.82 -9.39 1.54
N PRO A 220 17.88 -8.87 0.91
CA PRO A 220 17.92 -8.83 -0.56
C PRO A 220 17.71 -10.16 -1.24
N GLU A 221 18.11 -11.28 -0.61
CA GLU A 221 17.90 -12.58 -1.24
C GLU A 221 16.41 -12.85 -1.44
N LEU A 222 15.58 -12.47 -0.47
CA LEU A 222 14.13 -12.61 -0.65
C LEU A 222 13.62 -11.67 -1.72
N LEU A 223 14.16 -10.45 -1.78
CA LEU A 223 13.63 -9.46 -2.72
C LEU A 223 13.96 -9.82 -4.16
N VAL A 224 15.04 -10.57 -4.39
CA VAL A 224 15.39 -11.02 -5.73
C VAL A 224 14.94 -12.45 -5.98
N ASP A 225 14.10 -13.01 -5.10
CA ASP A 225 13.50 -14.33 -5.29
C ASP A 225 14.57 -15.42 -5.30
N TYR A 226 15.59 -15.26 -4.44
CA TYR A 226 16.55 -16.34 -4.22
C TYR A 226 16.04 -17.18 -3.05
N GLN A 227 15.57 -18.38 -3.35
CA GLN A 227 14.79 -19.15 -2.39
C GLN A 227 15.62 -20.04 -1.47
N MET A 228 16.88 -20.29 -1.80
CA MET A 228 17.69 -21.22 -1.01
C MET A 228 18.44 -20.46 0.08
N TYR A 229 17.69 -19.73 0.89
CA TYR A 229 18.30 -18.90 1.91
C TYR A 229 18.42 -19.67 3.22
N ASP A 230 18.93 -19.01 4.26
CA ASP A 230 19.18 -19.73 5.50
C ASP A 230 19.02 -18.76 6.67
N TYR A 231 19.60 -19.12 7.82
CA TYR A 231 19.47 -18.33 9.04
C TYR A 231 19.87 -16.88 8.85
N SER A 232 20.80 -16.63 7.92
CA SER A 232 21.33 -15.29 7.73
C SER A 232 20.26 -14.28 7.35
N LEU A 233 19.09 -14.73 6.88
CA LEU A 233 18.02 -13.78 6.64
C LEU A 233 17.63 -13.04 7.92
N ASP A 234 17.65 -13.75 9.06
CA ASP A 234 17.31 -13.11 10.33
C ASP A 234 18.31 -12.03 10.70
N MET A 235 19.57 -12.20 10.26
CA MET A 235 20.61 -11.23 10.58
C MET A 235 20.43 -9.95 9.78
N TRP A 236 19.97 -10.05 8.54
CA TRP A 236 19.56 -8.85 7.81
C TRP A 236 18.45 -8.12 8.56
N SER A 237 17.40 -8.85 8.93
CA SER A 237 16.29 -8.24 9.66
C SER A 237 16.77 -7.57 10.93
N LEU A 238 17.68 -8.23 11.65
CA LEU A 238 18.23 -7.62 12.86
C LEU A 238 18.96 -6.32 12.53
N GLY A 239 19.69 -6.30 11.42
CA GLY A 239 20.35 -5.07 11.01
C GLY A 239 19.36 -3.96 10.72
N CYS A 240 18.26 -4.29 10.04
CA CYS A 240 17.20 -3.31 9.82
C CYS A 240 16.66 -2.77 11.13
N MET A 241 16.44 -3.65 12.11
N MET A 241 16.47 -3.64 12.12
CA MET A 241 15.99 -3.20 13.42
CA MET A 241 15.98 -3.19 13.42
C MET A 241 17.00 -2.28 14.07
C MET A 241 16.99 -2.32 14.13
N LEU A 242 18.28 -2.68 14.05
CA LEU A 242 19.31 -1.86 14.67
C LEU A 242 19.37 -0.48 14.04
N ALA A 243 19.35 -0.42 12.71
CA ALA A 243 19.36 0.86 12.02
C ALA A 243 18.22 1.76 12.48
N SER A 244 17.01 1.20 12.54
CA SER A 244 15.86 1.98 12.97
C SER A 244 16.02 2.47 14.40
N MET A 245 16.64 1.65 15.27
CA MET A 245 16.79 2.07 16.66
C MET A 245 17.87 3.15 16.82
N ILE A 246 19.05 2.93 16.25
CA ILE A 246 20.12 3.90 16.49
C ILE A 246 19.89 5.18 15.71
N PHE A 247 19.22 5.11 14.56
CA PHE A 247 18.96 6.29 13.76
C PHE A 247 17.59 6.91 14.04
N ARG A 248 16.75 6.25 14.83
CA ARG A 248 15.40 6.72 15.14
C ARG A 248 14.63 7.00 13.85
N LYS A 249 14.56 5.97 13.00
CA LYS A 249 13.85 6.02 11.73
C LYS A 249 13.20 4.67 11.51
N GLU A 250 11.87 4.60 11.68
CA GLU A 250 11.15 3.33 11.66
C GLU A 250 10.08 3.37 10.58
N PRO A 251 10.13 2.47 9.57
CA PRO A 251 11.21 1.50 9.33
C PRO A 251 12.39 2.19 8.67
N PHE A 252 13.57 1.56 8.67
CA PHE A 252 14.72 2.21 8.06
C PHE A 252 14.62 2.18 6.53
N PHE A 253 14.43 1.00 5.95
CA PHE A 253 14.22 0.84 4.52
C PHE A 253 12.71 0.76 4.28
N HIS A 254 12.14 1.86 3.81
CA HIS A 254 10.69 2.02 3.71
C HIS A 254 10.24 1.93 2.26
N GLY A 255 10.28 0.72 1.71
CA GLY A 255 9.90 0.52 0.31
C GLY A 255 8.39 0.45 0.12
N HIS A 256 7.94 0.85 -1.07
CA HIS A 256 6.52 0.85 -1.40
C HIS A 256 6.01 -0.53 -1.78
N ASP A 257 6.90 -1.40 -2.21
CA ASP A 257 6.56 -2.75 -2.64
C ASP A 257 7.85 -3.55 -2.65
N ASN A 258 7.76 -4.80 -3.08
CA ASN A 258 8.94 -5.67 -3.05
C ASN A 258 10.06 -5.09 -3.91
N TYR A 259 9.72 -4.53 -5.07
CA TYR A 259 10.73 -3.99 -5.97
C TYR A 259 11.33 -2.69 -5.42
N ASP A 260 10.47 -1.76 -5.00
CA ASP A 260 10.96 -0.52 -4.42
C ASP A 260 11.79 -0.76 -3.19
N GLN A 261 11.49 -1.82 -2.42
CA GLN A 261 12.26 -2.13 -1.23
C GLN A 261 13.74 -2.31 -1.57
N LEU A 262 14.02 -3.04 -2.65
CA LEU A 262 15.41 -3.26 -3.04
C LEU A 262 16.05 -1.96 -3.53
N VAL A 263 15.26 -1.09 -4.17
CA VAL A 263 15.78 0.22 -4.56
C VAL A 263 16.19 1.02 -3.33
N ARG A 264 15.33 1.06 -2.31
CA ARG A 264 15.66 1.76 -1.07
C ARG A 264 16.97 1.24 -0.48
N ILE A 265 17.15 -0.08 -0.49
CA ILE A 265 18.40 -0.66 0.01
C ILE A 265 19.55 -0.25 -0.90
N ALA A 266 19.35 -0.36 -2.21
CA ALA A 266 20.43 -0.07 -3.15
C ALA A 266 20.86 1.38 -3.10
N LYS A 267 19.95 2.29 -2.75
CA LYS A 267 20.35 3.69 -2.62
C LYS A 267 21.24 3.92 -1.41
N VAL A 268 21.31 2.97 -0.49
CA VAL A 268 22.19 3.06 0.66
C VAL A 268 23.41 2.16 0.49
N LEU A 269 23.20 0.88 0.22
CA LEU A 269 24.29 -0.07 0.08
C LEU A 269 24.96 0.00 -1.29
N GLY A 270 24.36 0.66 -2.26
CA GLY A 270 24.95 0.75 -3.59
C GLY A 270 24.55 -0.39 -4.49
N THR A 271 24.58 -0.13 -5.79
CA THR A 271 24.22 -1.14 -6.78
C THR A 271 25.39 -2.05 -7.14
N GLU A 272 26.62 -1.62 -6.92
CA GLU A 272 27.78 -2.43 -7.31
C GLU A 272 27.85 -3.72 -6.52
N ASP A 273 27.75 -3.64 -5.19
CA ASP A 273 27.68 -4.84 -4.38
C ASP A 273 26.44 -5.67 -4.70
N LEU A 274 25.35 -5.01 -5.11
CA LEU A 274 24.15 -5.74 -5.47
C LEU A 274 24.36 -6.55 -6.74
N TYR A 275 24.90 -5.93 -7.79
CA TYR A 275 25.13 -6.66 -9.03
C TYR A 275 26.21 -7.71 -8.87
N ASP A 276 27.21 -7.47 -8.04
CA ASP A 276 28.19 -8.51 -7.72
C ASP A 276 27.51 -9.72 -7.11
N TYR A 277 26.59 -9.48 -6.17
CA TYR A 277 25.86 -10.57 -5.53
C TYR A 277 25.01 -11.34 -6.55
N ILE A 278 24.29 -10.61 -7.40
CA ILE A 278 23.46 -11.26 -8.41
C ILE A 278 24.31 -12.08 -9.36
N ASP A 279 25.47 -11.55 -9.76
CA ASP A 279 26.37 -12.29 -10.63
C ASP A 279 26.90 -13.54 -9.94
N LYS A 280 27.28 -13.42 -8.67
CA LYS A 280 27.90 -14.54 -7.96
C LYS A 280 26.97 -15.73 -7.86
N TYR A 281 25.69 -15.50 -7.58
CA TYR A 281 24.73 -16.58 -7.46
C TYR A 281 23.94 -16.81 -8.73
N ASN A 282 24.30 -16.13 -9.82
CA ASN A 282 23.65 -16.29 -11.12
C ASN A 282 22.13 -16.13 -10.99
N ILE A 283 21.73 -15.07 -10.30
CA ILE A 283 20.32 -14.82 -10.03
C ILE A 283 19.71 -14.11 -11.24
N GLU A 284 18.60 -14.65 -11.74
CA GLU A 284 17.87 -14.00 -12.82
C GLU A 284 17.02 -12.90 -12.23
N LEU A 285 17.39 -11.66 -12.49
CA LEU A 285 16.70 -10.52 -11.91
C LEU A 285 15.40 -10.26 -12.67
N ASP A 286 14.32 -10.06 -11.93
CA ASP A 286 13.03 -9.73 -12.52
C ASP A 286 13.19 -8.56 -13.49
N PRO A 287 12.59 -8.64 -14.69
CA PRO A 287 12.78 -7.56 -15.67
C PRO A 287 12.37 -6.18 -15.18
N ARG A 288 11.49 -6.09 -14.18
CA ARG A 288 11.12 -4.78 -13.65
C ARG A 288 12.32 -4.08 -13.01
N PHE A 289 13.17 -4.84 -12.32
CA PHE A 289 14.29 -4.26 -11.59
C PHE A 289 15.24 -3.52 -12.52
N ASN A 290 15.40 -3.99 -13.76
CA ASN A 290 16.39 -3.43 -14.67
C ASN A 290 16.25 -1.92 -14.80
N ASP A 291 15.02 -1.44 -14.98
CA ASP A 291 14.80 0.00 -15.13
C ASP A 291 14.97 0.73 -13.81
N ILE A 292 14.39 0.19 -12.73
CA ILE A 292 14.24 0.98 -11.50
C ILE A 292 15.46 0.94 -10.59
N LEU A 293 16.32 -0.08 -10.68
CA LEU A 293 17.46 -0.15 -9.78
C LEU A 293 18.51 0.90 -10.13
N GLY A 294 18.81 1.05 -11.41
CA GLY A 294 19.73 2.09 -11.83
C GLY A 294 21.14 1.87 -11.30
N ARG A 295 21.81 2.98 -11.00
CA ARG A 295 23.16 2.97 -10.47
C ARG A 295 23.21 3.87 -9.25
N HIS A 296 23.72 3.34 -8.14
CA HIS A 296 23.81 4.11 -6.92
C HIS A 296 25.11 3.79 -6.21
N SER A 297 25.76 4.83 -5.72
CA SER A 297 26.93 4.66 -4.88
C SER A 297 26.53 4.08 -3.53
N ARG A 298 27.50 3.46 -2.88
CA ARG A 298 27.33 3.05 -1.49
C ARG A 298 27.54 4.26 -0.59
N LYS A 299 26.53 4.59 0.22
CA LYS A 299 26.55 5.78 1.05
C LYS A 299 27.25 5.50 2.38
N ARG A 300 27.68 6.58 3.02
CA ARG A 300 28.21 6.51 4.36
C ARG A 300 27.08 6.72 5.38
N TRP A 301 27.15 5.96 6.48
CA TRP A 301 26.07 6.00 7.47
C TRP A 301 25.94 7.36 8.14
N GLU A 302 26.98 8.19 8.06
CA GLU A 302 26.93 9.52 8.68
C GLU A 302 25.74 10.33 8.21
N ARG A 303 25.26 10.08 6.99
CA ARG A 303 24.16 10.87 6.44
C ARG A 303 22.85 10.66 7.18
N PHE A 304 22.74 9.65 8.03
CA PHE A 304 21.55 9.44 8.83
C PHE A 304 21.72 9.92 10.26
N VAL A 305 22.88 10.47 10.61
CA VAL A 305 23.16 10.92 11.96
C VAL A 305 22.77 12.39 12.07
N HIS A 306 22.03 12.73 13.11
CA HIS A 306 21.67 14.11 13.38
C HIS A 306 21.59 14.29 14.89
N SER A 307 21.26 15.51 15.30
CA SER A 307 21.29 15.86 16.72
C SER A 307 20.31 15.02 17.54
N GLU A 308 19.26 14.49 16.91
CA GLU A 308 18.26 13.74 17.65
C GLU A 308 18.67 12.28 17.90
N ASN A 309 19.64 11.75 17.16
CA ASN A 309 20.02 10.35 17.34
C ASN A 309 21.51 10.13 17.59
N GLN A 310 22.33 11.17 17.63
CA GLN A 310 23.78 10.98 17.70
C GLN A 310 24.21 10.31 19.00
N HIS A 311 23.44 10.49 20.08
CA HIS A 311 23.76 9.82 21.33
C HIS A 311 23.60 8.31 21.24
N LEU A 312 22.95 7.80 20.19
CA LEU A 312 22.77 6.37 19.99
C LEU A 312 23.72 5.80 18.94
N VAL A 313 24.39 6.66 18.19
CA VAL A 313 25.27 6.24 17.10
C VAL A 313 26.71 6.38 17.55
N SER A 314 27.50 5.35 17.32
CA SER A 314 28.90 5.31 17.68
C SER A 314 29.66 4.56 16.58
N PRO A 315 30.98 4.72 16.52
CA PRO A 315 31.74 3.92 15.54
C PRO A 315 31.46 2.43 15.63
N GLU A 316 31.35 1.90 16.85
CA GLU A 316 31.11 0.47 17.02
C GLU A 316 29.71 0.09 16.55
N ALA A 317 28.72 0.96 16.76
CA ALA A 317 27.38 0.69 16.23
C ALA A 317 27.39 0.61 14.71
N LEU A 318 28.05 1.57 14.06
CA LEU A 318 28.09 1.60 12.60
C LEU A 318 28.88 0.41 12.04
N ASP A 319 29.99 0.06 12.69
CA ASP A 319 30.75 -1.12 12.26
C ASP A 319 29.90 -2.37 12.37
N PHE A 320 29.17 -2.52 13.48
CA PHE A 320 28.31 -3.67 13.67
C PHE A 320 27.18 -3.67 12.63
N LEU A 321 26.51 -2.54 12.46
CA LEU A 321 25.44 -2.45 11.46
C LEU A 321 25.94 -2.78 10.07
N ASP A 322 27.11 -2.27 9.69
CA ASP A 322 27.65 -2.53 8.37
C ASP A 322 27.87 -4.02 8.14
N LYS A 323 28.30 -4.74 9.17
CA LYS A 323 28.57 -6.17 9.06
C LYS A 323 27.31 -7.02 9.06
N LEU A 324 26.15 -6.44 9.39
CA LEU A 324 24.88 -7.15 9.25
C LEU A 324 24.24 -6.93 7.89
N LEU A 325 24.28 -5.69 7.40
CA LEU A 325 23.54 -5.31 6.19
C LEU A 325 24.44 -5.51 4.97
N ARG A 326 24.62 -6.78 4.60
CA ARG A 326 25.35 -7.14 3.39
C ARG A 326 24.40 -7.84 2.43
N TYR A 327 24.49 -7.50 1.14
CA TYR A 327 23.73 -8.23 0.14
C TYR A 327 24.01 -9.73 0.24
N ASP A 328 25.28 -10.10 0.18
CA ASP A 328 25.67 -11.51 0.21
C ASP A 328 25.33 -12.07 1.58
N HIS A 329 24.30 -12.92 1.64
CA HIS A 329 23.87 -13.50 2.90
C HIS A 329 24.99 -14.29 3.57
N GLN A 330 25.89 -14.87 2.77
CA GLN A 330 27.00 -15.64 3.32
C GLN A 330 28.03 -14.77 4.03
N SER A 331 28.02 -13.46 3.79
CA SER A 331 29.03 -12.58 4.38
C SER A 331 28.52 -11.85 5.62
N ARG A 332 27.24 -11.99 5.97
CA ARG A 332 26.72 -11.37 7.17
C ARG A 332 27.25 -12.09 8.40
N LEU A 333 27.42 -11.33 9.49
CA LEU A 333 27.74 -11.95 10.77
C LEU A 333 26.70 -13.01 11.11
N THR A 334 27.17 -14.10 11.70
CA THR A 334 26.25 -15.00 12.37
C THR A 334 25.84 -14.38 13.70
N ALA A 335 24.81 -14.97 14.34
CA ALA A 335 24.40 -14.47 15.64
C ALA A 335 25.54 -14.58 16.65
N ARG A 336 26.31 -15.68 16.59
CA ARG A 336 27.38 -15.86 17.55
C ARG A 336 28.53 -14.90 17.30
N GLU A 337 28.90 -14.70 16.02
CA GLU A 337 29.90 -13.69 15.70
C GLU A 337 29.44 -12.30 16.12
N ALA A 338 28.15 -11.99 15.91
CA ALA A 338 27.63 -10.69 16.28
C ALA A 338 27.79 -10.43 17.77
N MET A 339 27.58 -11.46 18.60
CA MET A 339 27.69 -11.32 20.05
C MET A 339 29.12 -11.02 20.48
N GLU A 340 30.11 -11.31 19.64
CA GLU A 340 31.50 -11.02 19.94
C GLU A 340 31.93 -9.64 19.50
N HIS A 341 31.03 -8.85 18.93
CA HIS A 341 31.39 -7.56 18.37
C HIS A 341 31.69 -6.54 19.47
N PRO A 342 32.64 -5.63 19.24
CA PRO A 342 32.93 -4.60 20.25
C PRO A 342 31.74 -3.79 20.70
N TYR A 343 30.71 -3.67 19.86
CA TYR A 343 29.49 -2.97 20.23
C TYR A 343 28.91 -3.47 21.56
N PHE A 344 29.15 -4.74 21.89
CA PHE A 344 28.56 -5.35 23.08
C PHE A 344 29.56 -5.54 24.23
N TYR A 345 30.76 -4.97 24.14
CA TYR A 345 31.80 -5.26 25.13
C TYR A 345 31.34 -4.91 26.55
N THR A 346 30.76 -3.73 26.73
CA THR A 346 30.33 -3.32 28.07
C THR A 346 29.17 -4.18 28.55
N VAL A 347 28.25 -4.54 27.66
CA VAL A 347 27.15 -5.44 28.03
C VAL A 347 27.69 -6.77 28.51
N VAL A 348 28.65 -7.34 27.77
CA VAL A 348 29.21 -8.63 28.14
C VAL A 348 29.92 -8.55 29.49
N LYS A 349 30.65 -7.45 29.73
CA LYS A 349 31.31 -7.28 31.02
C LYS A 349 30.31 -7.18 32.16
N ASP A 350 29.21 -6.45 31.94
CA ASP A 350 28.22 -6.27 33.01
C ASP A 350 27.49 -7.56 33.32
N GLN A 351 27.12 -8.32 32.29
CA GLN A 351 26.43 -9.59 32.52
C GLN A 351 27.33 -10.62 33.17
N ALA A 352 28.64 -10.48 33.05
CA ALA A 352 29.58 -11.42 33.66
C ALA A 352 29.70 -11.25 35.17
N ARG A 353 29.41 -10.06 35.69
CA ARG A 353 29.53 -9.80 37.12
C ARG A 353 28.19 -10.02 37.83
N SER B 22 -36.94 -9.89 -19.58
CA SER B 22 -35.79 -9.35 -20.29
C SER B 22 -35.32 -8.03 -19.67
N GLY B 23 -34.12 -8.06 -19.08
CA GLY B 23 -33.59 -6.88 -18.43
C GLY B 23 -32.71 -6.07 -19.36
N PRO B 24 -31.82 -5.27 -18.80
CA PRO B 24 -30.97 -4.42 -19.64
C PRO B 24 -29.92 -5.23 -20.40
N VAL B 25 -29.62 -4.76 -21.61
CA VAL B 25 -28.60 -5.37 -22.46
C VAL B 25 -27.24 -5.18 -21.80
N PRO B 26 -26.38 -6.20 -21.76
CA PRO B 26 -25.04 -6.02 -21.18
C PRO B 26 -24.16 -5.16 -22.07
N SER B 27 -23.08 -4.67 -21.46
CA SER B 27 -22.14 -3.78 -22.15
C SER B 27 -20.73 -4.15 -21.72
N ARG B 28 -19.78 -3.95 -22.63
CA ARG B 28 -18.36 -4.13 -22.35
C ARG B 28 -17.60 -2.89 -22.77
N ALA B 29 -16.55 -2.58 -22.04
CA ALA B 29 -15.65 -1.52 -22.46
C ALA B 29 -15.11 -1.82 -23.85
N ARG B 30 -15.12 -0.79 -24.69
CA ARG B 30 -14.61 -0.83 -26.06
C ARG B 30 -13.10 -1.03 -26.09
N VAL B 31 -12.39 -0.50 -25.10
CA VAL B 31 -10.94 -0.63 -25.00
C VAL B 31 -10.59 -1.08 -23.59
N TYR B 32 -9.38 -1.63 -23.44
CA TYR B 32 -8.85 -2.02 -22.13
C TYR B 32 -9.82 -2.95 -21.42
N THR B 33 -10.52 -3.79 -22.18
CA THR B 33 -11.63 -4.56 -21.64
C THR B 33 -11.16 -5.56 -20.60
N ASP B 34 -10.07 -6.27 -20.89
CA ASP B 34 -9.65 -7.42 -20.09
C ASP B 34 -8.33 -7.20 -19.36
N VAL B 35 -7.90 -5.93 -19.21
CA VAL B 35 -6.57 -5.67 -18.67
C VAL B 35 -6.44 -6.19 -17.25
N ASN B 36 -7.52 -6.17 -16.47
CA ASN B 36 -7.41 -6.66 -15.10
C ASN B 36 -7.39 -8.17 -15.03
N THR B 37 -8.15 -8.85 -15.90
CA THR B 37 -8.12 -10.31 -15.92
C THR B 37 -6.71 -10.83 -16.20
N HIS B 38 -5.97 -10.14 -17.06
CA HIS B 38 -4.64 -10.57 -17.45
C HIS B 38 -3.57 -10.19 -16.44
N ARG B 39 -3.92 -9.43 -15.42
CA ARG B 39 -2.99 -9.13 -14.35
C ARG B 39 -3.14 -10.15 -13.24
N PRO B 40 -2.12 -10.30 -12.38
CA PRO B 40 -2.28 -11.16 -11.21
C PRO B 40 -3.40 -10.66 -10.33
N ARG B 41 -4.11 -11.61 -9.70
CA ARG B 41 -5.30 -11.26 -8.91
C ARG B 41 -5.01 -10.16 -7.89
N GLU B 42 -3.84 -10.18 -7.25
CA GLU B 42 -3.56 -9.19 -6.21
C GLU B 42 -3.60 -7.77 -6.74
N TYR B 43 -3.46 -7.58 -8.05
CA TYR B 43 -3.52 -6.23 -8.62
C TYR B 43 -4.89 -5.58 -8.36
N TRP B 44 -5.96 -6.33 -8.56
CA TRP B 44 -7.32 -5.79 -8.48
C TRP B 44 -8.11 -6.35 -7.31
N ASP B 45 -7.65 -7.42 -6.67
CA ASP B 45 -8.36 -8.03 -5.55
C ASP B 45 -7.98 -7.30 -4.27
N TYR B 46 -8.46 -6.05 -4.16
CA TYR B 46 -7.95 -5.14 -3.15
C TYR B 46 -8.39 -5.50 -1.74
N GLU B 47 -9.43 -6.32 -1.59
CA GLU B 47 -9.80 -6.76 -0.25
C GLU B 47 -8.69 -7.55 0.41
N SER B 48 -7.80 -8.16 -0.36
CA SER B 48 -6.67 -8.89 0.19
C SER B 48 -5.49 -7.99 0.50
N HIS B 49 -5.58 -6.69 0.21
CA HIS B 49 -4.44 -5.81 0.38
C HIS B 49 -4.19 -5.59 1.87
N VAL B 50 -2.93 -5.74 2.29
CA VAL B 50 -2.52 -5.49 3.66
C VAL B 50 -1.75 -4.18 3.70
N VAL B 51 -2.24 -3.22 4.47
CA VAL B 51 -1.58 -1.92 4.56
C VAL B 51 -0.37 -2.03 5.46
N GLU B 52 0.78 -1.57 4.97
CA GLU B 52 1.96 -1.36 5.81
C GLU B 52 1.94 0.08 6.27
N TRP B 53 1.83 0.30 7.57
CA TRP B 53 1.63 1.64 8.10
C TRP B 53 2.97 2.33 8.30
N GLY B 54 3.02 3.61 7.92
CA GLY B 54 4.16 4.43 8.19
C GLY B 54 4.08 5.03 9.58
N ASN B 55 4.97 5.97 9.84
CA ASN B 55 5.10 6.57 11.16
C ASN B 55 4.36 7.90 11.17
N GLN B 56 3.24 7.94 11.90
CA GLN B 56 2.46 9.16 11.99
C GLN B 56 3.26 10.30 12.59
N ASP B 57 4.22 9.98 13.45
CA ASP B 57 5.08 11.01 14.04
C ASP B 57 6.00 11.65 13.03
N ASP B 58 6.16 11.07 11.83
CA ASP B 58 6.96 11.70 10.80
C ASP B 58 6.33 12.97 10.26
N TYR B 59 5.03 13.17 10.48
CA TYR B 59 4.31 14.26 9.84
C TYR B 59 3.73 15.15 10.92
N GLN B 60 3.99 16.44 10.80
CA GLN B 60 3.44 17.46 11.68
C GLN B 60 2.51 18.31 10.84
N LEU B 61 1.24 18.39 11.25
CA LEU B 61 0.28 19.17 10.50
C LEU B 61 0.58 20.66 10.63
N VAL B 62 0.51 21.36 9.50
CA VAL B 62 0.74 22.81 9.46
C VAL B 62 -0.57 23.57 9.45
N ARG B 63 -1.47 23.24 8.52
CA ARG B 63 -2.70 23.99 8.39
C ARG B 63 -3.72 23.16 7.62
N LYS B 64 -4.98 23.51 7.81
CA LYS B 64 -6.06 22.82 7.12
C LYS B 64 -6.24 23.41 5.73
N LEU B 65 -6.36 22.54 4.73
CA LEU B 65 -6.56 22.99 3.36
C LEU B 65 -8.01 22.90 2.92
N GLY B 66 -8.76 21.97 3.48
CA GLY B 66 -10.16 21.85 3.13
C GLY B 66 -10.76 20.63 3.80
N ARG B 67 -12.07 20.51 3.66
CA ARG B 67 -12.81 19.36 4.16
C ARG B 67 -13.60 18.76 3.01
N GLY B 68 -13.62 17.43 2.95
CA GLY B 68 -14.34 16.72 1.92
C GLY B 68 -15.43 15.85 2.53
N LYS B 69 -16.18 15.21 1.64
CA LYS B 69 -17.21 14.26 2.07
C LYS B 69 -16.57 13.10 2.83
N TYR B 70 -15.39 12.67 2.40
CA TYR B 70 -14.76 11.48 2.95
C TYR B 70 -13.46 11.77 3.70
N SER B 71 -13.05 13.03 3.80
CA SER B 71 -11.77 13.30 4.46
C SER B 71 -11.68 14.76 4.87
N GLU B 72 -10.75 15.01 5.77
CA GLU B 72 -10.25 16.35 6.07
C GLU B 72 -8.82 16.45 5.54
N VAL B 73 -8.52 17.54 4.86
CA VAL B 73 -7.27 17.69 4.13
C VAL B 73 -6.42 18.76 4.81
N PHE B 74 -5.16 18.43 5.07
CA PHE B 74 -4.22 19.30 5.75
C PHE B 74 -2.93 19.39 4.96
N GLU B 75 -2.26 20.52 5.08
CA GLU B 75 -0.86 20.60 4.72
C GLU B 75 -0.05 20.16 5.93
N ALA B 76 1.01 19.41 5.67
CA ALA B 76 1.87 18.95 6.76
C ALA B 76 3.31 19.05 6.30
N ILE B 77 4.22 18.90 7.25
CA ILE B 77 5.64 18.81 6.97
C ILE B 77 6.12 17.45 7.43
N ASN B 78 6.84 16.75 6.57
CA ASN B 78 7.55 15.54 6.95
C ASN B 78 8.79 15.99 7.71
N ILE B 79 8.82 15.77 9.02
CA ILE B 79 9.89 16.34 9.84
C ILE B 79 11.21 15.61 9.68
N THR B 80 11.24 14.48 8.99
CA THR B 80 12.49 13.78 8.75
C THR B 80 13.29 14.37 7.60
N ASN B 81 12.63 15.09 6.68
CA ASN B 81 13.34 15.69 5.56
C ASN B 81 12.82 17.07 5.20
N ASN B 82 11.96 17.66 6.03
CA ASN B 82 11.43 19.02 5.82
C ASN B 82 10.72 19.17 4.48
N GLU B 83 10.14 18.09 3.98
CA GLU B 83 9.34 18.13 2.76
C GLU B 83 7.90 18.43 3.11
N LYS B 84 7.28 19.35 2.37
CA LYS B 84 5.85 19.59 2.52
C LYS B 84 5.05 18.48 1.88
N VAL B 85 4.02 18.02 2.58
CA VAL B 85 3.13 16.98 2.09
C VAL B 85 1.70 17.42 2.33
N VAL B 86 0.77 16.70 1.71
CA VAL B 86 -0.65 16.88 1.93
C VAL B 86 -1.18 15.62 2.58
N VAL B 87 -1.89 15.78 3.69
CA VAL B 87 -2.41 14.65 4.46
C VAL B 87 -3.93 14.68 4.37
N LYS B 88 -4.52 13.59 3.89
CA LYS B 88 -5.97 13.45 3.88
C LYS B 88 -6.33 12.49 4.99
N ILE B 89 -6.89 13.01 6.07
CA ILE B 89 -7.31 12.17 7.19
C ILE B 89 -8.70 11.64 6.87
N LEU B 90 -8.84 10.32 6.81
CA LEU B 90 -10.08 9.72 6.33
C LEU B 90 -11.15 9.79 7.39
N LYS B 91 -12.37 10.12 6.97
CA LYS B 91 -13.51 9.93 7.84
C LYS B 91 -13.83 8.44 7.91
N PRO B 92 -14.49 8.01 8.99
CA PRO B 92 -14.83 6.58 9.12
C PRO B 92 -15.62 6.12 7.91
N VAL B 93 -15.16 5.04 7.29
CA VAL B 93 -15.81 4.48 6.12
C VAL B 93 -15.48 3.00 6.07
N LYS B 94 -16.25 2.26 5.28
CA LYS B 94 -16.02 0.84 5.12
C LYS B 94 -14.56 0.59 4.79
N LYS B 95 -13.93 -0.35 5.51
CA LYS B 95 -12.51 -0.60 5.33
C LYS B 95 -12.20 -1.03 3.90
N LYS B 96 -13.16 -1.68 3.25
CA LYS B 96 -12.99 -2.13 1.88
C LYS B 96 -12.78 -0.95 0.93
N LYS B 97 -13.44 0.18 1.21
CA LYS B 97 -13.25 1.37 0.39
C LYS B 97 -11.88 1.99 0.61
N ILE B 98 -11.34 1.90 1.82
CA ILE B 98 -10.00 2.39 2.08
C ILE B 98 -8.97 1.55 1.36
N LYS B 99 -9.09 0.23 1.45
CA LYS B 99 -8.20 -0.65 0.70
C LYS B 99 -8.27 -0.38 -0.79
N ARG B 100 -9.49 -0.13 -1.31
CA ARG B 100 -9.64 0.14 -2.72
C ARG B 100 -8.86 1.38 -3.14
N GLU B 101 -9.04 2.49 -2.41
CA GLU B 101 -8.35 3.71 -2.78
C GLU B 101 -6.84 3.54 -2.69
N ILE B 102 -6.37 2.91 -1.62
CA ILE B 102 -4.94 2.69 -1.44
C ILE B 102 -4.39 1.84 -2.58
N LYS B 103 -5.05 0.71 -2.89
CA LYS B 103 -4.55 -0.16 -3.94
C LYS B 103 -4.52 0.57 -5.27
N ILE B 104 -5.55 1.36 -5.55
CA ILE B 104 -5.60 2.08 -6.82
C ILE B 104 -4.48 3.11 -6.88
N LEU B 105 -4.31 3.88 -5.80
CA LEU B 105 -3.24 4.86 -5.75
C LEU B 105 -1.89 4.21 -5.92
N GLU B 106 -1.68 3.05 -5.28
CA GLU B 106 -0.41 2.35 -5.43
C GLU B 106 -0.25 1.79 -6.84
N ASN B 107 -1.32 1.25 -7.41
CA ASN B 107 -1.24 0.73 -8.77
C ASN B 107 -0.88 1.81 -9.78
N LEU B 108 -1.39 3.02 -9.58
CA LEU B 108 -1.22 4.11 -10.53
C LEU B 108 -0.02 4.99 -10.23
N ARG B 109 0.68 4.74 -9.13
CA ARG B 109 1.78 5.61 -8.72
C ARG B 109 2.84 5.67 -9.81
N GLY B 110 3.33 6.88 -10.08
CA GLY B 110 4.28 7.11 -11.14
C GLY B 110 3.67 7.37 -12.50
N GLY B 111 2.37 7.15 -12.66
CA GLY B 111 1.72 7.38 -13.92
C GLY B 111 1.63 8.86 -14.23
N PRO B 112 1.45 9.20 -15.51
CA PRO B 112 1.48 10.61 -15.90
C PRO B 112 0.33 11.39 -15.26
N ASN B 113 0.69 12.44 -14.54
CA ASN B 113 -0.24 13.39 -13.91
C ASN B 113 -1.13 12.74 -12.87
N ILE B 114 -0.73 11.58 -12.33
CA ILE B 114 -1.43 10.93 -11.24
C ILE B 114 -0.80 11.39 -9.93
N ILE B 115 -1.65 11.81 -8.97
CA ILE B 115 -1.13 12.20 -7.67
C ILE B 115 -0.35 11.04 -7.07
N THR B 116 0.74 11.35 -6.38
CA THR B 116 1.60 10.34 -5.81
C THR B 116 1.25 10.15 -4.33
N LEU B 117 0.82 8.94 -3.98
CA LEU B 117 0.67 8.56 -2.58
C LEU B 117 2.05 8.23 -2.02
N ALA B 118 2.45 8.94 -0.97
CA ALA B 118 3.78 8.78 -0.39
C ALA B 118 3.79 7.93 0.87
N ASP B 119 2.72 7.93 1.65
CA ASP B 119 2.72 7.21 2.92
C ASP B 119 1.28 7.02 3.37
N ILE B 120 1.11 6.11 4.33
CA ILE B 120 -0.18 5.85 4.97
C ILE B 120 0.12 5.69 6.46
N VAL B 121 -0.51 6.53 7.27
CA VAL B 121 -0.30 6.51 8.71
C VAL B 121 -1.66 6.45 9.37
N LYS B 122 -1.67 6.10 10.64
CA LYS B 122 -2.93 6.06 11.39
C LYS B 122 -2.98 7.32 12.24
N ASP B 123 -4.05 8.08 12.07
CA ASP B 123 -4.20 9.34 12.76
C ASP B 123 -4.45 9.10 14.24
N PRO B 124 -3.65 9.71 15.13
CA PRO B 124 -3.81 9.43 16.57
C PRO B 124 -5.14 9.91 17.13
N VAL B 125 -5.81 10.86 16.48
CA VAL B 125 -7.08 11.40 16.98
C VAL B 125 -8.26 10.60 16.47
N SER B 126 -8.37 10.45 15.15
CA SER B 126 -9.50 9.74 14.57
C SER B 126 -9.34 8.22 14.58
N ARG B 127 -8.10 7.74 14.72
CA ARG B 127 -7.74 6.33 14.62
C ARG B 127 -8.07 5.73 13.25
N THR B 128 -8.44 6.57 12.29
CA THR B 128 -8.65 6.27 10.89
C THR B 128 -7.34 6.45 10.13
N PRO B 129 -7.22 5.88 8.94
CA PRO B 129 -6.00 6.09 8.16
C PRO B 129 -5.91 7.52 7.68
N ALA B 130 -4.68 7.95 7.44
CA ALA B 130 -4.41 9.24 6.84
C ALA B 130 -3.47 8.96 5.68
N LEU B 131 -3.85 9.43 4.50
CA LEU B 131 -3.06 9.25 3.31
C LEU B 131 -2.17 10.46 3.12
N VAL B 132 -0.89 10.22 2.91
CA VAL B 132 0.09 11.29 2.74
C VAL B 132 0.47 11.35 1.28
N PHE B 133 0.28 12.52 0.67
CA PHE B 133 0.49 12.74 -0.75
C PHE B 133 1.59 13.74 -1.00
N GLU B 134 2.15 13.67 -2.21
CA GLU B 134 2.97 14.76 -2.73
C GLU B 134 2.19 16.07 -2.67
N HIS B 135 2.89 17.15 -2.41
CA HIS B 135 2.26 18.46 -2.34
C HIS B 135 2.15 19.07 -3.74
N VAL B 136 1.01 19.70 -4.02
CA VAL B 136 0.80 20.43 -5.27
C VAL B 136 0.27 21.81 -4.95
N ASN B 137 0.97 22.85 -5.43
CA ASN B 137 0.57 24.23 -5.19
C ASN B 137 -0.55 24.60 -6.16
N ASN B 138 -1.77 24.20 -5.82
CA ASN B 138 -2.90 24.39 -6.71
C ASN B 138 -3.29 25.87 -6.82
N THR B 139 -3.66 26.28 -8.03
CA THR B 139 -4.34 27.54 -8.25
C THR B 139 -5.83 27.27 -8.22
N ASP B 140 -6.58 28.10 -7.48
CA ASP B 140 -8.00 27.88 -7.30
C ASP B 140 -8.73 27.91 -8.64
N PHE B 141 -9.49 26.85 -8.92
CA PHE B 141 -10.15 26.74 -10.21
C PHE B 141 -11.23 27.80 -10.38
N LYS B 142 -11.80 28.28 -9.27
CA LYS B 142 -12.74 29.39 -9.31
C LYS B 142 -12.07 30.73 -9.61
N GLN B 143 -10.74 30.78 -9.59
CA GLN B 143 -9.97 31.91 -10.07
C GLN B 143 -9.13 31.57 -11.29
N LEU B 144 -8.75 30.29 -11.44
CA LEU B 144 -7.94 29.89 -12.58
C LEU B 144 -8.77 29.86 -13.86
N TYR B 145 -9.96 29.27 -13.80
CA TYR B 145 -10.79 29.10 -14.99
C TYR B 145 -11.22 30.45 -15.57
N GLN B 146 -11.22 31.51 -14.77
CA GLN B 146 -11.56 32.83 -15.29
C GLN B 146 -10.43 33.45 -16.10
N THR B 147 -9.21 32.94 -15.97
CA THR B 147 -8.05 33.53 -16.63
C THR B 147 -7.44 32.64 -17.69
N LEU B 148 -7.93 31.41 -17.85
CA LEU B 148 -7.33 30.49 -18.80
C LEU B 148 -7.58 30.92 -20.23
N THR B 149 -6.54 30.84 -21.04
CA THR B 149 -6.67 31.13 -22.46
C THR B 149 -7.18 29.90 -23.20
N ASP B 150 -7.49 30.09 -24.49
CA ASP B 150 -7.83 28.97 -25.34
C ASP B 150 -6.72 27.92 -25.35
N TYR B 151 -5.47 28.36 -25.48
CA TYR B 151 -4.36 27.40 -25.47
C TYR B 151 -4.23 26.71 -24.12
N ASP B 152 -4.45 27.43 -23.02
CA ASP B 152 -4.35 26.83 -21.70
C ASP B 152 -5.35 25.70 -21.53
N ILE B 153 -6.59 25.91 -21.97
CA ILE B 153 -7.60 24.87 -21.84
C ILE B 153 -7.19 23.63 -22.63
N ARG B 154 -6.72 23.82 -23.86
CA ARG B 154 -6.27 22.68 -24.66
C ARG B 154 -5.11 21.97 -23.97
N PHE B 155 -4.17 22.73 -23.42
CA PHE B 155 -3.00 22.13 -22.78
C PHE B 155 -3.41 21.28 -21.58
N TYR B 156 -4.22 21.85 -20.69
CA TYR B 156 -4.58 21.12 -19.48
C TYR B 156 -5.56 19.99 -19.77
N MET B 157 -6.46 20.16 -20.74
CA MET B 157 -7.29 19.04 -21.17
C MET B 157 -6.43 17.87 -21.65
N TYR B 158 -5.38 18.16 -22.43
CA TYR B 158 -4.48 17.13 -22.89
C TYR B 158 -3.78 16.45 -21.73
N GLU B 159 -3.37 17.23 -20.72
CA GLU B 159 -2.70 16.66 -19.56
C GLU B 159 -3.67 15.77 -18.75
N ILE B 160 -4.93 16.17 -18.65
CA ILE B 160 -5.92 15.30 -18.00
C ILE B 160 -6.08 14.00 -18.77
N LEU B 161 -6.17 14.11 -20.10
CA LEU B 161 -6.34 12.92 -20.93
C LEU B 161 -5.19 11.94 -20.76
N LYS B 162 -3.97 12.46 -20.55
CA LYS B 162 -2.84 11.56 -20.27
C LYS B 162 -3.13 10.73 -19.03
N ALA B 163 -3.62 11.38 -17.97
CA ALA B 163 -3.90 10.68 -16.73
C ALA B 163 -5.03 9.67 -16.92
N LEU B 164 -6.07 10.07 -17.65
CA LEU B 164 -7.20 9.17 -17.88
C LEU B 164 -6.82 8.01 -18.78
N ASP B 165 -6.07 8.26 -19.86
CA ASP B 165 -5.67 7.12 -20.68
C ASP B 165 -4.80 6.15 -19.87
N TYR B 166 -3.95 6.69 -18.99
CA TYR B 166 -3.12 5.82 -18.17
C TYR B 166 -3.96 4.98 -17.22
N CYS B 167 -4.82 5.62 -16.42
CA CYS B 167 -5.55 4.82 -15.43
C CYS B 167 -6.52 3.86 -16.10
N HIS B 168 -7.16 4.28 -17.19
CA HIS B 168 -7.99 3.36 -17.96
C HIS B 168 -7.18 2.18 -18.48
N SER B 169 -6.00 2.45 -19.05
CA SER B 169 -5.12 1.39 -19.52
C SER B 169 -4.67 0.49 -18.39
N MET B 170 -4.68 1.00 -17.16
CA MET B 170 -4.38 0.23 -15.95
C MET B 170 -5.63 -0.38 -15.33
N GLY B 171 -6.74 -0.39 -16.06
CA GLY B 171 -7.94 -1.07 -15.59
C GLY B 171 -8.75 -0.33 -14.55
N ILE B 172 -8.62 0.99 -14.47
CA ILE B 172 -9.23 1.76 -13.39
C ILE B 172 -10.05 2.90 -13.99
N MET B 173 -11.28 3.07 -13.48
CA MET B 173 -12.14 4.22 -13.76
C MET B 173 -12.02 5.21 -12.61
N HIS B 174 -11.85 6.49 -12.92
CA HIS B 174 -11.74 7.47 -11.85
C HIS B 174 -13.09 7.70 -11.17
N ARG B 175 -14.14 7.91 -11.98
CA ARG B 175 -15.53 8.03 -11.56
C ARG B 175 -15.80 9.31 -10.75
N ASP B 176 -14.86 10.23 -10.65
CA ASP B 176 -15.14 11.51 -10.01
C ASP B 176 -14.37 12.62 -10.70
N VAL B 177 -14.37 12.61 -12.03
CA VAL B 177 -13.68 13.65 -12.79
C VAL B 177 -14.48 14.95 -12.68
N LYS B 178 -13.82 16.00 -12.22
CA LYS B 178 -14.43 17.31 -12.06
C LYS B 178 -13.33 18.32 -11.74
N PRO B 179 -13.59 19.62 -11.94
CA PRO B 179 -12.51 20.60 -11.73
C PRO B 179 -11.85 20.53 -10.37
N HIS B 180 -12.63 20.27 -9.31
CA HIS B 180 -12.06 20.20 -7.97
C HIS B 180 -11.05 19.07 -7.84
N ASN B 181 -11.12 18.05 -8.69
CA ASN B 181 -10.20 16.92 -8.61
C ASN B 181 -9.06 17.03 -9.61
N VAL B 182 -8.89 18.19 -10.23
CA VAL B 182 -7.77 18.44 -11.14
C VAL B 182 -6.98 19.58 -10.51
N MET B 183 -5.86 19.25 -9.86
CA MET B 183 -5.00 20.27 -9.28
C MET B 183 -4.06 20.80 -10.35
N ILE B 184 -3.98 22.12 -10.46
CA ILE B 184 -3.15 22.76 -11.46
C ILE B 184 -2.22 23.74 -10.78
N ASP B 185 -0.92 23.52 -10.91
CA ASP B 185 0.10 24.49 -10.56
C ASP B 185 0.40 25.27 -11.83
N HIS B 186 -0.34 26.36 -12.03
CA HIS B 186 -0.32 27.05 -13.33
C HIS B 186 1.06 27.65 -13.63
N GLU B 187 1.77 28.11 -12.60
CA GLU B 187 3.09 28.69 -12.83
C GLU B 187 4.04 27.69 -13.45
N HIS B 188 3.99 26.44 -13.01
CA HIS B 188 4.83 25.38 -13.56
C HIS B 188 4.10 24.53 -14.58
N ARG B 189 2.89 24.92 -15.00
CA ARG B 189 2.09 24.18 -15.96
C ARG B 189 2.03 22.71 -15.58
N LYS B 190 1.82 22.45 -14.30
CA LYS B 190 1.81 21.10 -13.75
C LYS B 190 0.40 20.74 -13.33
N LEU B 191 -0.03 19.54 -13.69
CA LEU B 191 -1.38 19.08 -13.43
C LEU B 191 -1.34 17.72 -12.76
N ARG B 192 -2.22 17.52 -11.77
CA ARG B 192 -2.37 16.24 -11.11
C ARG B 192 -3.86 15.93 -10.99
N LEU B 193 -4.23 14.72 -11.40
CA LEU B 193 -5.56 14.18 -11.14
C LEU B 193 -5.55 13.54 -9.76
N ILE B 194 -6.43 14.01 -8.88
CA ILE B 194 -6.40 13.62 -7.47
C ILE B 194 -7.71 12.95 -7.08
N ASP B 195 -7.79 12.55 -5.81
CA ASP B 195 -9.03 12.09 -5.16
C ASP B 195 -9.60 10.85 -5.86
N TRP B 196 -8.86 9.75 -5.66
CA TRP B 196 -9.19 8.46 -6.25
C TRP B 196 -10.07 7.62 -5.33
N GLY B 197 -10.71 8.24 -4.33
CA GLY B 197 -11.51 7.49 -3.38
C GLY B 197 -12.79 6.89 -3.93
N LEU B 198 -13.26 7.37 -5.08
CA LEU B 198 -14.42 6.79 -5.74
C LEU B 198 -14.04 5.91 -6.93
N ALA B 199 -12.75 5.81 -7.23
CA ALA B 199 -12.29 5.05 -8.38
C ALA B 199 -12.53 3.56 -8.15
N GLU B 200 -12.66 2.82 -9.25
CA GLU B 200 -12.92 1.40 -9.18
C GLU B 200 -12.18 0.67 -10.31
N PHE B 201 -11.96 -0.63 -10.11
CA PHE B 201 -11.41 -1.48 -11.15
C PHE B 201 -12.49 -1.87 -12.14
N TYR B 202 -12.19 -1.75 -13.43
CA TYR B 202 -13.13 -2.19 -14.45
C TYR B 202 -12.99 -3.69 -14.69
N HIS B 203 -14.12 -4.40 -14.62
CA HIS B 203 -14.18 -5.83 -14.92
C HIS B 203 -15.35 -6.03 -15.87
N PRO B 204 -15.14 -6.72 -17.00
CA PRO B 204 -16.25 -6.94 -17.94
C PRO B 204 -17.43 -7.64 -17.28
N GLY B 205 -18.62 -7.09 -17.48
CA GLY B 205 -19.84 -7.63 -16.92
C GLY B 205 -20.14 -7.23 -15.49
N GLN B 206 -19.25 -6.50 -14.83
CA GLN B 206 -19.54 -6.09 -13.46
C GLN B 206 -20.55 -4.95 -13.46
N GLU B 207 -21.46 -4.99 -12.49
CA GLU B 207 -22.42 -3.92 -12.30
C GLU B 207 -21.95 -3.04 -11.15
N TYR B 208 -21.92 -1.74 -11.39
CA TYR B 208 -21.32 -0.79 -10.46
C TYR B 208 -22.39 0.10 -9.85
N ASN B 209 -22.04 0.68 -8.72
CA ASN B 209 -22.90 1.69 -8.10
C ASN B 209 -22.95 2.91 -9.01
N VAL B 210 -24.16 3.42 -9.25
CA VAL B 210 -24.34 4.60 -10.09
C VAL B 210 -24.36 5.88 -9.28
N ARG B 211 -24.25 5.78 -7.96
CA ARG B 211 -24.21 6.97 -7.12
C ARG B 211 -22.74 7.33 -6.87
N VAL B 212 -22.09 7.63 -7.98
CA VAL B 212 -20.69 8.04 -8.00
C VAL B 212 -20.61 9.41 -8.65
N ALA B 213 -19.47 10.06 -8.45
CA ALA B 213 -19.15 11.41 -8.93
C ALA B 213 -20.10 12.50 -8.43
N SER B 214 -19.74 13.75 -8.72
CA SER B 214 -20.62 14.88 -8.49
C SER B 214 -21.76 14.83 -9.48
N ARG B 215 -22.96 15.21 -9.03
CA ARG B 215 -24.14 15.13 -9.89
C ARG B 215 -23.94 15.83 -11.23
N TYR B 216 -23.24 16.97 -11.24
CA TYR B 216 -23.10 17.76 -12.46
C TYR B 216 -22.31 17.03 -13.54
N PHE B 217 -21.50 16.05 -13.15
CA PHE B 217 -20.60 15.37 -14.05
C PHE B 217 -21.00 13.92 -14.26
N ARG B 218 -22.18 13.54 -13.80
CA ARG B 218 -22.66 12.17 -13.97
C ARG B 218 -23.09 11.92 -15.39
N GLY B 219 -22.59 10.84 -16.00
CA GLY B 219 -23.01 10.44 -17.30
C GLY B 219 -24.46 9.99 -17.28
N PRO B 220 -25.12 10.05 -18.43
CA PRO B 220 -26.51 9.56 -18.50
C PRO B 220 -26.66 8.12 -18.03
N GLU B 221 -25.63 7.28 -18.19
CA GLU B 221 -25.75 5.89 -17.73
C GLU B 221 -26.00 5.84 -16.23
N LEU B 222 -25.33 6.71 -15.47
CA LEU B 222 -25.58 6.80 -14.04
C LEU B 222 -26.99 7.32 -13.76
N LEU B 223 -27.44 8.32 -14.53
CA LEU B 223 -28.70 8.98 -14.26
C LEU B 223 -29.90 8.10 -14.58
N VAL B 224 -29.76 7.17 -15.52
CA VAL B 224 -30.83 6.22 -15.84
C VAL B 224 -30.60 4.86 -15.19
N ASP B 225 -29.65 4.76 -14.27
CA ASP B 225 -29.42 3.54 -13.48
C ASP B 225 -28.98 2.36 -14.36
N TYR B 226 -28.14 2.64 -15.36
CA TYR B 226 -27.49 1.56 -16.11
C TYR B 226 -26.14 1.26 -15.45
N GLN B 227 -26.03 0.09 -14.81
CA GLN B 227 -24.93 -0.18 -13.91
C GLN B 227 -23.71 -0.79 -14.56
N MET B 228 -23.82 -1.32 -15.79
CA MET B 228 -22.69 -2.00 -16.41
C MET B 228 -21.86 -1.02 -17.26
N TYR B 229 -21.42 0.06 -16.62
CA TYR B 229 -20.71 1.10 -17.32
C TYR B 229 -19.20 0.85 -17.26
N ASP B 230 -18.40 1.75 -17.83
CA ASP B 230 -16.97 1.49 -17.93
C ASP B 230 -16.21 2.81 -17.95
N TYR B 231 -14.97 2.76 -18.46
CA TYR B 231 -14.10 3.93 -18.46
C TYR B 231 -14.76 5.13 -19.13
N SER B 232 -15.68 4.89 -20.07
CA SER B 232 -16.29 5.97 -20.84
C SER B 232 -17.08 6.92 -19.95
N LEU B 233 -17.42 6.52 -18.73
CA LEU B 233 -18.04 7.45 -17.79
C LEU B 233 -17.14 8.65 -17.54
N ASP B 234 -15.83 8.42 -17.44
CA ASP B 234 -14.90 9.53 -17.21
C ASP B 234 -14.88 10.49 -18.40
N MET B 235 -15.15 9.98 -19.59
CA MET B 235 -15.13 10.82 -20.78
C MET B 235 -16.33 11.76 -20.81
N TRP B 236 -17.49 11.29 -20.35
CA TRP B 236 -18.61 12.21 -20.16
C TRP B 236 -18.25 13.34 -19.21
N SER B 237 -17.75 12.98 -18.02
CA SER B 237 -17.38 13.98 -17.03
C SER B 237 -16.38 14.97 -17.60
N LEU B 238 -15.41 14.48 -18.38
CA LEU B 238 -14.46 15.36 -19.02
C LEU B 238 -15.14 16.31 -19.99
N GLY B 239 -16.13 15.81 -20.75
CA GLY B 239 -16.88 16.69 -21.62
C GLY B 239 -17.61 17.77 -20.86
N CYS B 240 -18.19 17.43 -19.71
CA CYS B 240 -18.83 18.44 -18.87
C CYS B 240 -17.84 19.51 -18.45
N MET B 241 -16.63 19.10 -18.07
CA MET B 241 -15.61 20.08 -17.70
C MET B 241 -15.26 20.99 -18.86
N LEU B 242 -15.06 20.40 -20.05
CA LEU B 242 -14.70 21.19 -21.21
C LEU B 242 -15.79 22.21 -21.56
N ALA B 243 -17.05 21.77 -21.54
CA ALA B 243 -18.16 22.69 -21.81
C ALA B 243 -18.13 23.87 -20.85
N SER B 244 -17.93 23.60 -19.56
CA SER B 244 -17.91 24.68 -18.57
C SER B 244 -16.77 25.66 -18.84
N MET B 245 -15.63 25.15 -19.33
CA MET B 245 -14.48 26.01 -19.56
C MET B 245 -14.67 26.86 -20.83
N ILE B 246 -15.04 26.24 -21.95
CA ILE B 246 -15.11 27.03 -23.18
C ILE B 246 -16.34 27.94 -23.19
N PHE B 247 -17.42 27.55 -22.51
CA PHE B 247 -18.60 28.39 -22.47
C PHE B 247 -18.66 29.30 -21.25
N ARG B 248 -17.72 29.15 -20.31
CA ARG B 248 -17.67 29.95 -19.08
C ARG B 248 -19.00 29.88 -18.32
N LYS B 249 -19.40 28.64 -18.02
CA LYS B 249 -20.59 28.36 -17.22
C LYS B 249 -20.25 27.12 -16.38
N GLU B 250 -19.97 27.32 -15.10
CA GLU B 250 -19.46 26.24 -14.26
C GLU B 250 -20.38 26.03 -13.07
N PRO B 251 -21.00 24.83 -12.90
CA PRO B 251 -20.92 23.71 -13.85
C PRO B 251 -21.80 23.95 -15.06
N PHE B 252 -21.59 23.20 -16.15
CA PHE B 252 -22.39 23.42 -17.35
C PHE B 252 -23.81 22.87 -17.21
N PHE B 253 -23.93 21.59 -16.86
CA PHE B 253 -25.24 20.99 -16.59
C PHE B 253 -25.48 21.08 -15.09
N HIS B 254 -26.29 22.06 -14.67
CA HIS B 254 -26.41 22.41 -13.27
C HIS B 254 -27.76 21.91 -12.74
N GLY B 255 -27.88 20.60 -12.62
CA GLY B 255 -29.12 20.02 -12.11
C GLY B 255 -29.20 20.07 -10.60
N HIS B 256 -30.45 20.11 -10.10
CA HIS B 256 -30.73 20.13 -8.67
C HIS B 256 -30.80 18.74 -8.05
N ASP B 257 -30.99 17.72 -8.88
CA ASP B 257 -31.05 16.33 -8.44
C ASP B 257 -30.80 15.47 -9.69
N ASN B 258 -30.80 14.15 -9.49
CA ASN B 258 -30.50 13.25 -10.60
C ASN B 258 -31.52 13.37 -11.72
N TYR B 259 -32.79 13.53 -11.38
CA TYR B 259 -33.81 13.63 -12.42
C TYR B 259 -33.67 14.94 -13.17
N ASP B 260 -33.54 16.04 -12.44
CA ASP B 260 -33.32 17.34 -13.07
C ASP B 260 -32.03 17.36 -13.88
N GLN B 261 -31.00 16.64 -13.42
CA GLN B 261 -29.73 16.61 -14.15
C GLN B 261 -29.94 16.08 -15.57
N LEU B 262 -30.69 15.00 -15.72
CA LEU B 262 -30.93 14.43 -17.04
C LEU B 262 -31.82 15.33 -17.89
N VAL B 263 -32.76 16.04 -17.28
CA VAL B 263 -33.55 17.02 -18.01
C VAL B 263 -32.65 18.12 -18.55
N ARG B 264 -31.77 18.66 -17.70
CA ARG B 264 -30.83 19.68 -18.18
C ARG B 264 -30.03 19.17 -19.36
N ILE B 265 -29.57 17.91 -19.29
CA ILE B 265 -28.83 17.33 -20.39
C ILE B 265 -29.73 17.17 -21.61
N ALA B 266 -30.94 16.64 -21.40
CA ALA B 266 -31.82 16.36 -22.54
C ALA B 266 -32.24 17.65 -23.25
N LYS B 267 -32.27 18.76 -22.54
CA LYS B 267 -32.59 20.03 -23.20
C LYS B 267 -31.48 20.52 -24.10
N VAL B 268 -30.28 19.95 -24.01
CA VAL B 268 -29.17 20.28 -24.90
C VAL B 268 -28.92 19.18 -25.94
N LEU B 269 -28.77 17.94 -25.48
CA LEU B 269 -28.49 16.82 -26.40
C LEU B 269 -29.75 16.29 -27.08
N GLY B 270 -30.93 16.70 -26.63
CA GLY B 270 -32.16 16.25 -27.24
C GLY B 270 -32.65 14.94 -26.64
N THR B 271 -33.96 14.73 -26.70
CA THR B 271 -34.55 13.52 -26.15
C THR B 271 -34.53 12.35 -27.13
N GLU B 272 -34.40 12.60 -28.44
CA GLU B 272 -34.43 11.52 -29.41
C GLU B 272 -33.24 10.59 -29.23
N ASP B 273 -32.03 11.14 -29.17
CA ASP B 273 -30.86 10.31 -28.90
C ASP B 273 -30.96 9.63 -27.54
N LEU B 274 -31.61 10.27 -26.57
CA LEU B 274 -31.78 9.68 -25.26
C LEU B 274 -32.66 8.44 -25.32
N TYR B 275 -33.83 8.56 -25.97
CA TYR B 275 -34.72 7.40 -26.06
C TYR B 275 -34.12 6.30 -26.94
N ASP B 276 -33.35 6.68 -27.96
CA ASP B 276 -32.58 5.68 -28.72
C ASP B 276 -31.63 4.93 -27.80
N TYR B 277 -30.94 5.66 -26.91
CA TYR B 277 -30.04 5.04 -25.96
C TYR B 277 -30.79 4.10 -25.03
N ILE B 278 -31.92 4.57 -24.48
CA ILE B 278 -32.72 3.74 -23.59
C ILE B 278 -33.22 2.50 -24.31
N ASP B 279 -33.66 2.66 -25.56
CA ASP B 279 -34.13 1.53 -26.34
C ASP B 279 -33.01 0.54 -26.63
N LYS B 280 -31.83 1.04 -27.02
CA LYS B 280 -30.74 0.16 -27.41
C LYS B 280 -30.31 -0.76 -26.27
N TYR B 281 -30.22 -0.23 -25.06
CA TYR B 281 -29.79 -1.04 -23.92
C TYR B 281 -30.96 -1.59 -23.12
N ASN B 282 -32.18 -1.41 -23.60
CA ASN B 282 -33.38 -1.91 -22.93
C ASN B 282 -33.42 -1.45 -21.47
N ILE B 283 -33.17 -0.16 -21.27
CA ILE B 283 -33.12 0.42 -19.94
C ILE B 283 -34.53 0.73 -19.47
N GLU B 284 -34.88 0.23 -18.29
CA GLU B 284 -36.19 0.53 -17.71
C GLU B 284 -36.13 1.92 -17.09
N LEU B 285 -36.83 2.87 -17.72
CA LEU B 285 -36.78 4.25 -17.27
C LEU B 285 -37.72 4.45 -16.08
N ASP B 286 -37.21 5.12 -15.05
CA ASP B 286 -38.01 5.48 -13.90
C ASP B 286 -39.30 6.19 -14.36
N PRO B 287 -40.46 5.83 -13.83
CA PRO B 287 -41.70 6.48 -14.29
C PRO B 287 -41.70 7.99 -14.11
N ARG B 288 -40.90 8.52 -13.19
CA ARG B 288 -40.82 9.96 -13.00
C ARG B 288 -40.28 10.66 -14.24
N PHE B 289 -39.29 10.04 -14.89
CA PHE B 289 -38.67 10.67 -16.06
C PHE B 289 -39.66 10.86 -17.20
N ASN B 290 -40.61 9.95 -17.36
CA ASN B 290 -41.53 10.01 -18.49
C ASN B 290 -42.21 11.37 -18.57
N ASP B 291 -42.69 11.87 -17.43
CA ASP B 291 -43.39 13.15 -17.43
C ASP B 291 -42.41 14.30 -17.62
N ILE B 292 -41.28 14.28 -16.90
CA ILE B 292 -40.43 15.46 -16.84
C ILE B 292 -39.45 15.56 -18.00
N LEU B 293 -39.15 14.45 -18.68
CA LEU B 293 -38.18 14.51 -19.78
C LEU B 293 -38.78 15.22 -20.98
N GLY B 294 -40.04 14.92 -21.30
CA GLY B 294 -40.72 15.60 -22.39
C GLY B 294 -40.07 15.30 -23.73
N ARG B 295 -40.12 16.29 -24.60
CA ARG B 295 -39.51 16.20 -25.93
C ARG B 295 -38.67 17.45 -26.15
N HIS B 296 -37.41 17.26 -26.50
CA HIS B 296 -36.51 18.38 -26.73
C HIS B 296 -35.64 18.09 -27.93
N SER B 297 -35.50 19.10 -28.79
CA SER B 297 -34.58 19.01 -29.91
C SER B 297 -33.14 19.01 -29.42
N ARG B 298 -32.26 18.46 -30.24
CA ARG B 298 -30.84 18.59 -30.00
C ARG B 298 -30.39 19.98 -30.46
N LYS B 299 -29.81 20.75 -29.54
CA LYS B 299 -29.44 22.11 -29.83
C LYS B 299 -28.08 22.18 -30.51
N ARG B 300 -27.84 23.28 -31.22
CA ARG B 300 -26.52 23.56 -31.76
C ARG B 300 -25.73 24.32 -30.71
N TRP B 301 -24.44 24.01 -30.61
CA TRP B 301 -23.62 24.62 -29.58
C TRP B 301 -23.52 26.13 -29.73
N GLU B 302 -23.84 26.67 -30.90
CA GLU B 302 -23.78 28.11 -31.12
C GLU B 302 -24.63 28.88 -30.11
N ARG B 303 -25.71 28.27 -29.61
CA ARG B 303 -26.60 28.97 -28.71
C ARG B 303 -25.96 29.26 -27.35
N PHE B 304 -24.82 28.64 -27.04
CA PHE B 304 -24.10 28.92 -25.79
C PHE B 304 -22.90 29.83 -26.02
N VAL B 305 -22.68 30.28 -27.24
CA VAL B 305 -21.54 31.13 -27.57
C VAL B 305 -21.99 32.59 -27.48
N HIS B 306 -21.19 33.41 -26.80
CA HIS B 306 -21.46 34.84 -26.72
C HIS B 306 -20.14 35.58 -26.67
N SER B 307 -20.23 36.91 -26.56
CA SER B 307 -19.04 37.75 -26.66
C SER B 307 -18.04 37.47 -25.53
N GLU B 308 -18.52 36.98 -24.39
CA GLU B 308 -17.63 36.74 -23.27
C GLU B 308 -16.89 35.41 -23.36
N ASN B 309 -17.34 34.48 -24.21
CA ASN B 309 -16.67 33.18 -24.31
C ASN B 309 -16.25 32.81 -25.72
N GLN B 310 -16.52 33.66 -26.72
CA GLN B 310 -16.27 33.29 -28.11
C GLN B 310 -14.79 33.06 -28.38
N HIS B 311 -13.91 33.73 -27.64
CA HIS B 311 -12.47 33.51 -27.80
C HIS B 311 -12.03 32.13 -27.35
N LEU B 312 -12.89 31.38 -26.66
CA LEU B 312 -12.58 30.04 -26.21
C LEU B 312 -13.26 28.97 -27.03
N VAL B 313 -14.21 29.35 -27.87
CA VAL B 313 -14.99 28.41 -28.66
C VAL B 313 -14.47 28.44 -30.09
N SER B 314 -14.24 27.27 -30.65
CA SER B 314 -13.75 27.12 -32.01
C SER B 314 -14.44 25.91 -32.61
N PRO B 315 -14.43 25.79 -33.94
CA PRO B 315 -14.95 24.55 -34.55
C PRO B 315 -14.32 23.31 -33.96
N GLU B 316 -13.02 23.35 -33.67
CA GLU B 316 -12.33 22.17 -33.13
C GLU B 316 -12.79 21.87 -31.70
N ALA B 317 -12.98 22.91 -30.89
CA ALA B 317 -13.47 22.71 -29.52
C ALA B 317 -14.84 22.06 -29.54
N LEU B 318 -15.75 22.58 -30.37
CA LEU B 318 -17.12 22.06 -30.43
C LEU B 318 -17.15 20.65 -30.98
N ASP B 319 -16.35 20.36 -32.02
CA ASP B 319 -16.29 19.00 -32.54
C ASP B 319 -15.82 18.03 -31.47
N PHE B 320 -14.78 18.41 -30.73
CA PHE B 320 -14.28 17.56 -29.65
C PHE B 320 -15.33 17.38 -28.56
N LEU B 321 -15.93 18.48 -28.12
CA LEU B 321 -16.97 18.43 -27.09
C LEU B 321 -18.12 17.52 -27.51
N ASP B 322 -18.55 17.65 -28.76
CA ASP B 322 -19.67 16.84 -29.26
C ASP B 322 -19.35 15.36 -29.18
N LYS B 323 -18.11 14.98 -29.46
CA LYS B 323 -17.73 13.58 -29.43
C LYS B 323 -17.52 13.03 -28.03
N LEU B 324 -17.50 13.89 -27.00
CA LEU B 324 -17.44 13.44 -25.62
C LEU B 324 -18.83 13.27 -25.03
N LEU B 325 -19.73 14.22 -25.29
CA LEU B 325 -21.05 14.27 -24.68
C LEU B 325 -22.05 13.49 -25.53
N ARG B 326 -21.97 12.17 -25.45
CA ARG B 326 -22.91 11.27 -26.09
C ARG B 326 -23.63 10.47 -25.01
N TYR B 327 -24.95 10.32 -25.17
CA TYR B 327 -25.70 9.42 -24.28
C TYR B 327 -25.08 8.02 -24.27
N ASP B 328 -24.94 7.44 -25.46
CA ASP B 328 -24.40 6.09 -25.59
C ASP B 328 -22.94 6.09 -25.18
N HIS B 329 -22.64 5.50 -24.02
CA HIS B 329 -21.27 5.48 -23.52
C HIS B 329 -20.33 4.79 -24.50
N GLN B 330 -20.82 3.85 -25.28
CA GLN B 330 -19.95 3.18 -26.24
C GLN B 330 -19.53 4.09 -27.40
N SER B 331 -20.22 5.20 -27.62
CA SER B 331 -19.91 6.05 -28.76
C SER B 331 -19.03 7.24 -28.40
N ARG B 332 -18.71 7.43 -27.12
CA ARG B 332 -17.82 8.50 -26.73
C ARG B 332 -16.38 8.19 -27.13
N LEU B 333 -15.62 9.24 -27.42
CA LEU B 333 -14.19 9.09 -27.63
C LEU B 333 -13.55 8.38 -26.44
N THR B 334 -12.59 7.50 -26.73
CA THR B 334 -11.71 7.05 -25.68
C THR B 334 -10.71 8.16 -25.36
N ALA B 335 -10.00 8.00 -24.23
CA ALA B 335 -9.00 9.00 -23.88
C ALA B 335 -7.92 9.09 -24.95
N ARG B 336 -7.49 7.96 -25.51
CA ARG B 336 -6.46 8.00 -26.53
C ARG B 336 -6.98 8.60 -27.84
N GLU B 337 -8.20 8.22 -28.24
CA GLU B 337 -8.81 8.86 -29.41
C GLU B 337 -8.94 10.36 -29.19
N ALA B 338 -9.33 10.77 -27.98
CA ALA B 338 -9.47 12.19 -27.70
C ALA B 338 -8.15 12.93 -27.87
N MET B 339 -7.04 12.30 -27.43
CA MET B 339 -5.73 12.94 -27.54
C MET B 339 -5.30 13.12 -28.99
N GLU B 340 -5.90 12.38 -29.91
CA GLU B 340 -5.61 12.51 -31.33
C GLU B 340 -6.49 13.54 -32.02
N HIS B 341 -7.36 14.23 -31.28
CA HIS B 341 -8.30 15.14 -31.91
C HIS B 341 -7.59 16.42 -32.38
N PRO B 342 -8.03 17.00 -33.50
CA PRO B 342 -7.43 18.26 -33.97
C PRO B 342 -7.37 19.35 -32.94
N TYR B 343 -8.28 19.34 -31.96
CA TYR B 343 -8.27 20.34 -30.88
C TYR B 343 -6.90 20.43 -30.22
N PHE B 344 -6.13 19.34 -30.21
CA PHE B 344 -4.84 19.30 -29.52
C PHE B 344 -3.63 19.40 -30.44
N TYR B 345 -3.83 19.68 -31.73
CA TYR B 345 -2.72 19.63 -32.68
C TYR B 345 -1.59 20.56 -32.26
N THR B 346 -1.92 21.80 -31.89
CA THR B 346 -0.88 22.73 -31.47
C THR B 346 -0.22 22.28 -30.17
N VAL B 347 -1.01 21.76 -29.23
CA VAL B 347 -0.44 21.27 -27.97
C VAL B 347 0.55 20.14 -28.24
N VAL B 348 0.15 19.18 -29.09
CA VAL B 348 1.02 18.05 -29.41
C VAL B 348 2.27 18.53 -30.12
N LYS B 349 2.15 19.50 -31.03
CA LYS B 349 3.31 20.03 -31.72
C LYS B 349 4.29 20.68 -30.74
N ASP B 350 3.75 21.43 -29.77
CA ASP B 350 4.62 22.12 -28.82
C ASP B 350 5.32 21.14 -27.89
N GLN B 351 4.60 20.12 -27.42
CA GLN B 351 5.21 19.17 -26.48
C GLN B 351 6.30 18.34 -27.14
N ALA B 352 6.29 18.20 -28.47
CA ALA B 352 7.33 17.42 -29.13
C ALA B 352 8.64 18.19 -29.21
N ARG B 353 8.60 19.52 -29.24
CA ARG B 353 9.80 20.33 -29.34
C ARG B 353 10.25 20.83 -27.97
C1 EDO C . -0.59 -12.53 14.10
O1 EDO C . -0.88 -13.26 15.29
C2 EDO C . 0.91 -12.35 14.05
O2 EDO C . 1.49 -13.53 14.62
C1 EDO D . 30.72 1.92 -5.17
O1 EDO D . 31.17 1.36 -3.93
C2 EDO D . 30.32 3.38 -4.97
O2 EDO D . 30.06 3.96 -6.25
C1 EDO E . -9.90 -19.80 25.09
O1 EDO E . -11.29 -19.46 25.16
C2 EDO E . -9.50 -19.87 23.62
O2 EDO E . -10.07 -21.03 23.01
C1 EDO F . 22.82 7.46 -5.67
O1 EDO F . 23.89 7.90 -6.52
C2 EDO F . 21.82 8.59 -5.41
O2 EDO F . 20.88 8.18 -4.42
C1 EDO G . -3.99 -27.95 14.89
O1 EDO G . -5.28 -27.95 14.26
C2 EDO G . -2.95 -28.49 13.93
O2 EDO G . -3.09 -29.91 13.81
S SO4 H . 5.41 -20.67 4.23
O1 SO4 H . 5.01 -22.04 4.50
O2 SO4 H . 6.86 -20.59 4.23
O3 SO4 H . 4.90 -20.29 2.92
O4 SO4 H . 4.87 -19.77 5.25
S SO4 I . -6.04 -31.60 15.04
O1 SO4 I . -6.25 -32.44 13.87
O2 SO4 I . -6.53 -32.22 16.26
O3 SO4 I . -6.73 -30.33 14.83
O4 SO4 I . -4.60 -31.34 15.21
S SO4 J . 4.86 -7.32 -0.59
O1 SO4 J . 4.73 -8.74 -0.27
O2 SO4 J . 6.22 -7.03 -1.06
O3 SO4 J . 3.91 -6.96 -1.64
O4 SO4 J . 4.58 -6.54 0.61
S SO4 K . -11.31 -30.43 13.84
O1 SO4 K . -11.21 -30.17 15.28
O2 SO4 K . -10.76 -31.77 13.59
O3 SO4 K . -12.71 -30.37 13.44
O4 SO4 K . -10.56 -29.44 13.09
S SO4 L . -7.67 -32.91 8.83
O1 SO4 L . -6.46 -33.69 8.57
O2 SO4 L . -8.84 -33.62 8.30
O3 SO4 L . -7.54 -31.61 8.20
O4 SO4 L . -7.83 -32.74 10.27
CL CL M . 23.37 -17.50 12.96
CL CL M . 23.35 -16.93 10.48
C1 EDO N . -36.91 23.24 -26.64
O1 EDO N . -37.21 22.17 -27.55
C2 EDO N . -36.11 22.68 -25.46
O2 EDO N . -35.85 23.69 -24.49
C1 EDO O . -16.16 2.19 -24.04
O1 EDO O . -17.05 1.13 -23.63
C2 EDO O . -14.70 2.00 -23.63
O2 EDO O . -14.53 2.13 -22.22
C1 EDO P . -11.83 -7.23 -4.80
O1 EDO P . -11.16 -7.60 -3.58
C2 EDO P . -13.10 -6.48 -4.46
O2 EDO P . -14.06 -7.40 -3.91
C1 EDO Q . -4.46 15.25 -3.00
O1 EDO Q . -3.37 16.19 -2.98
C2 EDO Q . -5.57 15.76 -2.08
O2 EDO Q . -5.87 17.13 -2.36
S SO4 R . -18.94 2.44 -4.26
O1 SO4 R . -18.52 2.06 -5.59
O2 SO4 R . -18.55 1.40 -3.32
O3 SO4 R . -20.40 2.59 -4.22
O4 SO4 R . -18.30 3.72 -3.91
S SO4 S . -26.77 13.66 -4.91
O1 SO4 S . -27.49 13.82 -3.66
O2 SO4 S . -26.37 12.28 -5.07
O3 SO4 S . -25.58 14.51 -4.89
O4 SO4 S . -27.65 14.04 -6.03
S SO4 T . -5.08 -15.37 -11.38
O1 SO4 T . -5.56 -16.75 -11.35
O2 SO4 T . -4.20 -15.17 -12.53
O3 SO4 T . -6.24 -14.48 -11.49
O4 SO4 T . -4.34 -15.07 -10.15
S SO4 U . -12.68 13.84 -0.41
O1 SO4 U . -13.36 13.28 0.74
O2 SO4 U . -12.41 12.78 -1.39
O3 SO4 U . -13.54 14.85 -1.03
O4 SO4 U . -11.43 14.46 0.00
CL CL V . -10.32 5.51 -22.33
#